data_2PK0
#
_entry.id   2PK0
#
_cell.length_a   139.400
_cell.length_b   92.100
_cell.length_c   86.900
_cell.angle_alpha   90.00
_cell.angle_beta   90.00
_cell.angle_gamma   90.00
#
_symmetry.space_group_name_H-M   'P 21 21 2'
#
loop_
_entity.id
_entity.type
_entity.pdbx_description
1 polymer 'Serine/threonine protein phosphatase Stp1'
2 non-polymer 'MAGNESIUM ION'
3 non-polymer GLYCEROL
4 non-polymer 'CHLORIDE ION'
5 water water
#
_entity_poly.entity_id   1
_entity_poly.type   'polypeptide(L)'
_entity_poly.pdbx_seq_one_letter_code
;ARKKYMEISLLTDIGQRRSNNQDFINQFENKAGVPLIILADGMGGHRAGNIASEMTVTDLGSDWAETDFSELSEIRDWML
VSIETENRKIYELGQSDDYKGMGTTIEAVAIVGDNIIFAHVGDSRIGIVRQGEYHLLTSDHSLVNELVKAGQLTEEEAAS
HPQKNIITQSIGQANPVEPDLGVHLLEEGDYLVVNSDGLTNMLSNADIATVLTQEKTLDDKNQDLITLANHRGGLDNITV
ALVYVESEAV
;
_entity_poly.pdbx_strand_id   A,B,C,D
#
# COMPACT_ATOMS: atom_id res chain seq x y z
N ALA A 1 -25.49 -29.08 0.76
CA ALA A 1 -26.98 -29.14 0.69
C ALA A 1 -27.64 -28.35 1.85
N ARG A 2 -27.06 -27.20 2.17
CA ARG A 2 -27.60 -26.30 3.20
C ARG A 2 -27.50 -24.86 2.72
N LYS A 3 -28.48 -24.40 1.95
CA LYS A 3 -28.41 -23.09 1.29
C LYS A 3 -28.39 -21.92 2.27
N LYS A 4 -27.35 -21.09 2.17
CA LYS A 4 -27.23 -19.83 2.93
C LYS A 4 -26.97 -18.70 1.96
N TYR A 5 -27.68 -17.61 2.10
CA TYR A 5 -27.39 -16.40 1.33
C TYR A 5 -26.11 -15.78 1.87
N MET A 6 -25.21 -15.38 0.97
CA MET A 6 -23.90 -14.92 1.34
C MET A 6 -23.47 -13.74 0.52
N GLU A 7 -22.96 -12.70 1.18
CA GLU A 7 -22.55 -11.49 0.48
C GLU A 7 -21.05 -11.46 0.38
N ILE A 8 -20.53 -11.25 -0.83
CA ILE A 8 -19.08 -11.16 -1.06
C ILE A 8 -18.64 -9.72 -1.35
N SER A 9 -17.56 -9.27 -0.71
CA SER A 9 -17.00 -7.94 -1.02
C SER A 9 -15.49 -8.02 -1.33
N LEU A 10 -15.08 -7.51 -2.50
CA LEU A 10 -13.68 -7.51 -2.90
C LEU A 10 -13.12 -6.09 -2.91
N LEU A 11 -11.90 -5.90 -2.44
CA LEU A 11 -11.25 -4.58 -2.51
C LEU A 11 -9.75 -4.75 -2.59
N THR A 12 -9.12 -3.96 -3.45
CA THR A 12 -7.66 -3.84 -3.42
C THR A 12 -7.23 -2.39 -3.31
N ASP A 13 -6.09 -2.17 -2.65
CA ASP A 13 -5.50 -0.84 -2.50
C ASP A 13 -3.99 -0.93 -2.62
N ILE A 14 -3.41 0.11 -3.22
CA ILE A 14 -2.01 0.14 -3.51
C ILE A 14 -1.19 0.28 -2.23
N GLY A 15 -1.72 1.03 -1.25
CA GLY A 15 -0.99 1.38 -0.03
C GLY A 15 -0.37 2.77 -0.11
N GLN A 16 -0.09 3.37 1.04
CA GLN A 16 0.53 4.69 1.15
C GLN A 16 1.91 4.75 0.53
N ARG A 17 2.72 3.74 0.83
CA ARG A 17 4.14 3.81 0.52
C ARG A 17 4.61 3.15 -0.78
N ARG A 18 3.70 2.66 -1.60
CA ARG A 18 4.12 1.97 -2.81
C ARG A 18 3.46 2.50 -4.08
N SER A 19 4.15 2.34 -5.20
CA SER A 19 3.70 2.94 -6.45
C SER A 19 3.28 1.87 -7.43
N ASN A 20 3.17 0.64 -6.95
CA ASN A 20 2.80 -0.45 -7.81
C ASN A 20 2.06 -1.50 -6.98
N ASN A 21 0.88 -1.86 -7.45
CA ASN A 21 0.05 -2.87 -6.79
C ASN A 21 0.26 -4.23 -7.45
N GLN A 22 1.02 -5.12 -6.82
CA GLN A 22 1.24 -6.44 -7.39
C GLN A 22 0.30 -7.50 -6.78
N ASP A 23 -0.71 -7.07 -6.05
CA ASP A 23 -1.74 -7.98 -5.58
C ASP A 23 -2.79 -8.08 -6.69
N PHE A 24 -3.45 -9.24 -6.81
CA PHE A 24 -4.65 -9.37 -7.65
C PHE A 24 -5.77 -10.14 -6.94
N ILE A 25 -7.01 -9.70 -7.12
CA ILE A 25 -8.19 -10.37 -6.54
C ILE A 25 -9.41 -10.40 -7.49
N ASN A 26 -10.12 -11.52 -7.51
CA ASN A 26 -11.32 -11.66 -8.32
C ASN A 26 -12.21 -12.81 -7.82
N GLN A 27 -13.46 -12.81 -8.25
CA GLN A 27 -14.37 -13.89 -7.98
C GLN A 27 -14.90 -14.48 -9.29
N PHE A 28 -15.36 -15.73 -9.23
CA PHE A 28 -15.78 -16.46 -10.42
C PHE A 28 -16.91 -17.35 -9.98
N GLU A 29 -17.63 -17.93 -10.93
CA GLU A 29 -18.69 -18.87 -10.62
C GLU A 29 -18.74 -19.97 -11.69
N ASN A 30 -18.74 -21.24 -11.26
CA ASN A 30 -18.75 -22.35 -12.22
C ASN A 30 -20.16 -22.65 -12.73
N LYS A 31 -20.31 -23.64 -13.63
CA LYS A 31 -21.62 -23.94 -14.24
C LYS A 31 -22.66 -24.49 -13.26
N ALA A 32 -22.21 -24.95 -12.11
CA ALA A 32 -23.15 -25.43 -11.11
C ALA A 32 -23.46 -24.35 -10.05
N GLY A 33 -22.99 -23.13 -10.26
CA GLY A 33 -23.31 -22.04 -9.36
C GLY A 33 -22.32 -21.87 -8.22
N VAL A 34 -21.24 -22.63 -8.21
CA VAL A 34 -20.32 -22.59 -7.08
C VAL A 34 -19.35 -21.43 -7.21
N PRO A 35 -19.41 -20.46 -6.27
CA PRO A 35 -18.51 -19.31 -6.33
C PRO A 35 -17.09 -19.68 -5.94
N LEU A 36 -16.11 -19.02 -6.54
CA LEU A 36 -14.72 -19.16 -6.16
C LEU A 36 -14.09 -17.79 -6.08
N ILE A 37 -13.30 -17.56 -5.03
CA ILE A 37 -12.63 -16.30 -4.79
C ILE A 37 -11.17 -16.62 -4.80
N ILE A 38 -10.40 -15.89 -5.62
CA ILE A 38 -8.98 -16.08 -5.70
C ILE A 38 -8.24 -14.78 -5.41
N LEU A 39 -7.40 -14.81 -4.37
CA LEU A 39 -6.55 -13.68 -3.99
C LEU A 39 -5.08 -14.07 -4.19
N ALA A 40 -4.28 -13.18 -4.78
CA ALA A 40 -2.87 -13.51 -5.03
C ALA A 40 -1.96 -12.36 -4.77
N ASP A 41 -0.88 -12.60 -4.03
CA ASP A 41 0.10 -11.57 -3.78
C ASP A 41 1.38 -11.87 -4.56
N GLY A 42 1.61 -11.12 -5.64
CA GLY A 42 2.80 -11.31 -6.44
C GLY A 42 4.07 -10.64 -5.92
N MET A 43 5.23 -11.18 -6.31
CA MET A 43 6.52 -10.58 -6.01
C MET A 43 7.41 -10.59 -7.26
N GLY A 44 8.39 -9.69 -7.29
CA GLY A 44 9.33 -9.63 -8.41
C GLY A 44 9.39 -8.23 -8.99
N GLY A 45 10.60 -7.75 -9.27
CA GLY A 45 10.82 -6.39 -9.79
C GLY A 45 10.19 -6.10 -11.14
N HIS A 46 10.02 -4.82 -11.45
CA HIS A 46 9.31 -4.29 -12.65
C HIS A 46 8.36 -5.23 -13.41
N ARG A 47 7.16 -5.37 -12.85
CA ARG A 47 5.99 -6.05 -13.44
C ARG A 47 5.92 -7.58 -13.40
N ALA A 48 6.92 -8.23 -12.82
CA ALA A 48 6.91 -9.70 -12.67
C ALA A 48 5.92 -10.13 -11.59
N GLY A 49 5.74 -9.27 -10.58
CA GLY A 49 4.80 -9.51 -9.51
C GLY A 49 3.38 -9.28 -9.98
N ASN A 50 3.21 -8.30 -10.87
CA ASN A 50 1.90 -7.99 -11.46
C ASN A 50 1.41 -9.10 -12.37
N ILE A 51 2.31 -9.58 -13.24
CA ILE A 51 2.02 -10.64 -14.20
C ILE A 51 1.63 -11.93 -13.48
N ALA A 52 2.42 -12.34 -12.50
CA ALA A 52 2.22 -13.60 -11.80
C ALA A 52 0.88 -13.65 -11.07
N SER A 53 0.55 -12.56 -10.39
CA SER A 53 -0.69 -12.46 -9.61
C SER A 53 -1.92 -12.40 -10.51
N GLU A 54 -1.90 -11.53 -11.52
CA GLU A 54 -2.99 -11.50 -12.49
C GLU A 54 -3.13 -12.78 -13.35
N MET A 55 -2.02 -13.43 -13.68
CA MET A 55 -2.12 -14.65 -14.50
C MET A 55 -2.74 -15.84 -13.76
N THR A 56 -2.25 -16.10 -12.55
CA THR A 56 -2.79 -17.14 -11.71
C THR A 56 -4.29 -16.98 -11.52
N VAL A 57 -4.71 -15.81 -11.04
CA VAL A 57 -6.12 -15.50 -10.83
C VAL A 57 -6.98 -15.60 -12.10
N THR A 58 -6.52 -15.01 -13.21
CA THR A 58 -7.27 -15.05 -14.47
C THR A 58 -7.36 -16.48 -15.07
N ASP A 59 -6.21 -17.18 -15.18
CA ASP A 59 -6.16 -18.56 -15.72
C ASP A 59 -6.99 -19.58 -14.93
N LEU A 60 -6.83 -19.59 -13.62
CA LEU A 60 -7.55 -20.51 -12.75
C LEU A 60 -9.04 -20.25 -12.81
N GLY A 61 -9.42 -18.98 -12.77
CA GLY A 61 -10.81 -18.59 -12.69
C GLY A 61 -11.55 -18.78 -13.98
N SER A 62 -10.83 -18.57 -15.07
CA SER A 62 -11.35 -18.84 -16.38
C SER A 62 -11.49 -20.33 -16.62
N ASP A 63 -10.66 -21.15 -15.97
CA ASP A 63 -10.79 -22.58 -16.14
C ASP A 63 -11.93 -23.03 -15.25
N TRP A 64 -12.01 -22.43 -14.06
CA TRP A 64 -13.08 -22.69 -13.08
C TRP A 64 -14.47 -22.43 -13.64
N ALA A 65 -14.59 -21.41 -14.47
CA ALA A 65 -15.89 -21.00 -15.00
C ALA A 65 -16.45 -22.08 -15.91
N GLU A 66 -15.57 -22.91 -16.47
CA GLU A 66 -15.99 -23.93 -17.40
C GLU A 66 -16.34 -25.24 -16.71
N THR A 67 -16.01 -25.35 -15.42
CA THR A 67 -16.23 -26.59 -14.72
C THR A 67 -17.67 -26.80 -14.28
N ASP A 68 -17.92 -27.99 -13.78
CA ASP A 68 -19.24 -28.58 -13.63
C ASP A 68 -19.56 -28.96 -12.19
N PHE A 69 -18.54 -29.09 -11.35
CA PHE A 69 -18.70 -29.75 -10.08
C PHE A 69 -19.37 -29.03 -8.95
N SER A 70 -19.89 -29.81 -8.01
CA SER A 70 -20.66 -29.27 -6.92
C SER A 70 -20.29 -29.94 -5.60
N GLU A 71 -19.32 -30.84 -5.64
CA GLU A 71 -18.91 -31.57 -4.44
C GLU A 71 -17.50 -31.18 -4.00
N LEU A 72 -17.25 -31.23 -2.70
CA LEU A 72 -15.98 -30.80 -2.10
C LEU A 72 -14.76 -31.54 -2.62
N SER A 73 -14.92 -32.84 -2.83
CA SER A 73 -13.81 -33.71 -3.17
C SER A 73 -13.36 -33.48 -4.61
N GLU A 74 -14.31 -33.07 -5.46
CA GLU A 74 -14.03 -32.79 -6.86
C GLU A 74 -13.33 -31.44 -6.99
N ILE A 75 -13.77 -30.50 -6.18
CA ILE A 75 -13.20 -29.17 -6.10
C ILE A 75 -11.78 -29.25 -5.53
N ARG A 76 -11.59 -30.12 -4.53
CA ARG A 76 -10.26 -30.38 -3.96
C ARG A 76 -9.27 -30.97 -4.99
N ASP A 77 -9.71 -31.95 -5.78
CA ASP A 77 -8.86 -32.50 -6.84
C ASP A 77 -8.47 -31.37 -7.77
N TRP A 78 -9.45 -30.55 -8.15
CA TRP A 78 -9.22 -29.42 -9.05
C TRP A 78 -8.17 -28.42 -8.52
N MET A 79 -8.21 -28.12 -7.23
CA MET A 79 -7.29 -27.14 -6.67
C MET A 79 -5.86 -27.65 -6.68
N LEU A 80 -5.65 -28.87 -6.20
CA LEU A 80 -4.33 -29.47 -6.15
C LEU A 80 -3.69 -29.59 -7.53
N VAL A 81 -4.51 -29.90 -8.52
CA VAL A 81 -4.05 -30.05 -9.90
C VAL A 81 -3.74 -28.71 -10.59
N SER A 82 -4.68 -27.76 -10.57
CA SER A 82 -4.51 -26.43 -11.22
C SER A 82 -3.37 -25.61 -10.66
N ILE A 83 -3.15 -25.72 -9.36
CA ILE A 83 -2.06 -25.00 -8.72
C ILE A 83 -0.68 -25.55 -9.16
N GLU A 84 -0.57 -26.86 -9.38
CA GLU A 84 0.68 -27.36 -9.92
C GLU A 84 0.94 -26.92 -11.36
N THR A 85 -0.10 -26.89 -12.18
CA THR A 85 0.09 -26.48 -13.55
C THR A 85 0.42 -24.99 -13.66
N GLU A 86 -0.14 -24.19 -12.74
CA GLU A 86 0.15 -22.76 -12.69
C GLU A 86 1.54 -22.46 -12.12
N ASN A 87 1.95 -23.26 -11.13
CA ASN A 87 3.30 -23.21 -10.56
C ASN A 87 4.40 -23.37 -11.61
N ARG A 88 4.27 -24.39 -12.45
CA ARG A 88 5.23 -24.61 -13.51
C ARG A 88 5.03 -23.66 -14.71
N LYS A 89 3.81 -23.13 -14.89
CA LYS A 89 3.59 -22.14 -15.95
C LYS A 89 4.26 -20.79 -15.62
N ILE A 90 4.23 -20.40 -14.37
CA ILE A 90 4.84 -19.13 -13.96
C ILE A 90 6.37 -19.26 -13.80
N TYR A 91 6.83 -20.45 -13.39
CA TYR A 91 8.28 -20.68 -13.30
C TYR A 91 8.90 -20.60 -14.68
N GLU A 92 8.26 -21.25 -15.64
CA GLU A 92 8.74 -21.30 -17.01
C GLU A 92 8.78 -19.88 -17.56
N LEU A 93 7.69 -19.14 -17.34
CA LEU A 93 7.59 -17.74 -17.77
C LEU A 93 8.59 -16.85 -17.05
N GLY A 94 8.94 -17.21 -15.81
CA GLY A 94 9.99 -16.52 -15.08
C GLY A 94 11.36 -16.74 -15.70
N GLN A 95 11.57 -17.90 -16.32
CA GLN A 95 12.86 -18.24 -16.92
C GLN A 95 13.08 -17.59 -18.29
N SER A 96 12.06 -17.63 -19.16
CA SER A 96 12.22 -17.33 -20.60
C SER A 96 12.30 -15.84 -20.99
N ASP A 97 11.76 -14.97 -20.15
CA ASP A 97 12.17 -13.57 -20.18
C ASP A 97 13.00 -13.47 -18.92
N ASP A 98 13.76 -12.40 -18.77
CA ASP A 98 14.55 -12.25 -17.57
C ASP A 98 13.76 -11.58 -16.45
N TYR A 99 12.84 -12.34 -15.84
CA TYR A 99 12.03 -11.86 -14.73
C TYR A 99 12.62 -12.39 -13.42
N LYS A 100 13.41 -11.55 -12.77
CA LYS A 100 14.10 -11.93 -11.55
C LYS A 100 13.11 -12.15 -10.40
N GLY A 101 13.01 -13.38 -9.94
CA GLY A 101 12.24 -13.72 -8.73
C GLY A 101 10.74 -13.59 -8.86
N MET A 102 10.20 -14.02 -9.99
CA MET A 102 8.76 -14.00 -10.24
C MET A 102 8.03 -15.05 -9.43
N GLY A 103 6.94 -14.65 -8.78
CA GLY A 103 6.15 -15.58 -8.03
C GLY A 103 4.97 -14.93 -7.34
N THR A 104 4.03 -15.75 -6.88
CA THR A 104 2.90 -15.21 -6.15
C THR A 104 2.43 -16.10 -4.99
N THR A 105 1.84 -15.51 -3.96
CA THR A 105 1.08 -16.29 -3.00
C THR A 105 -0.27 -16.68 -3.63
N ILE A 106 -0.98 -17.62 -3.04
CA ILE A 106 -2.38 -17.82 -3.41
C ILE A 106 -3.31 -18.16 -2.24
N GLU A 107 -4.52 -17.62 -2.30
CA GLU A 107 -5.66 -18.11 -1.55
C GLU A 107 -6.80 -18.36 -2.53
N ALA A 108 -7.26 -19.62 -2.58
CA ALA A 108 -8.35 -19.94 -3.46
C ALA A 108 -9.44 -20.56 -2.60
N VAL A 109 -10.61 -19.94 -2.62
CA VAL A 109 -11.69 -20.34 -1.70
C VAL A 109 -12.96 -20.57 -2.49
N ALA A 110 -13.52 -21.76 -2.37
CA ALA A 110 -14.79 -22.07 -3.00
C ALA A 110 -15.85 -22.30 -1.93
N ILE A 111 -17.08 -21.85 -2.19
CA ILE A 111 -18.15 -21.95 -1.21
C ILE A 111 -19.20 -22.93 -1.68
N VAL A 112 -19.28 -24.08 -1.00
CA VAL A 112 -20.26 -25.11 -1.30
C VAL A 112 -21.30 -25.17 -0.18
N GLY A 113 -22.53 -24.75 -0.47
CA GLY A 113 -23.53 -24.56 0.56
C GLY A 113 -23.07 -23.55 1.59
N ASP A 114 -22.91 -24.00 2.84
CA ASP A 114 -22.30 -23.16 3.88
C ASP A 114 -20.92 -23.66 4.34
N ASN A 115 -20.33 -24.54 3.53
CA ASN A 115 -18.96 -24.97 3.72
C ASN A 115 -18.03 -24.21 2.78
N ILE A 116 -16.81 -23.98 3.23
CA ILE A 116 -15.77 -23.49 2.35
C ILE A 116 -14.70 -24.56 2.26
N ILE A 117 -14.02 -24.61 1.12
CA ILE A 117 -12.77 -25.31 1.01
C ILE A 117 -11.70 -24.38 0.41
N PHE A 118 -10.55 -24.31 1.06
CA PHE A 118 -9.52 -23.47 0.55
C PHE A 118 -8.24 -24.21 0.19
N ALA A 119 -7.48 -23.62 -0.74
CA ALA A 119 -6.09 -23.96 -0.99
C ALA A 119 -5.26 -22.72 -0.66
N HIS A 120 -4.09 -22.91 -0.05
CA HIS A 120 -3.28 -21.81 0.51
C HIS A 120 -1.79 -22.01 0.31
N VAL A 121 -1.10 -21.01 -0.24
CA VAL A 121 0.32 -21.04 -0.56
C VAL A 121 0.90 -19.65 -0.28
N GLY A 122 1.83 -19.52 0.67
CA GLY A 122 2.42 -18.22 0.96
C GLY A 122 2.11 -17.66 2.34
N ASP A 123 2.12 -16.33 2.43
CA ASP A 123 1.85 -15.63 3.69
C ASP A 123 0.57 -14.79 3.64
N SER A 124 -0.27 -15.03 2.64
CA SER A 124 -1.60 -14.50 2.64
C SER A 124 -2.42 -15.26 3.69
N ARG A 125 -3.54 -14.71 4.13
CA ARG A 125 -4.24 -15.32 5.24
C ARG A 125 -5.72 -15.47 5.01
N ILE A 126 -6.29 -16.42 5.74
CA ILE A 126 -7.73 -16.66 5.79
C ILE A 126 -8.14 -16.78 7.25
N GLY A 127 -9.17 -16.02 7.63
CA GLY A 127 -9.70 -16.12 8.97
C GLY A 127 -11.21 -16.08 9.05
N ILE A 128 -11.75 -16.48 10.19
CA ILE A 128 -13.17 -16.34 10.42
C ILE A 128 -13.36 -15.44 11.60
N VAL A 129 -14.26 -14.48 11.47
CA VAL A 129 -14.68 -13.68 12.60
C VAL A 129 -16.08 -14.12 13.09
N ARG A 130 -16.14 -14.60 14.33
CA ARG A 130 -17.39 -15.07 14.95
C ARG A 130 -17.52 -14.48 16.35
N GLN A 131 -18.71 -13.95 16.66
CA GLN A 131 -18.99 -13.37 17.97
C GLN A 131 -17.87 -12.45 18.46
N GLY A 132 -17.45 -11.54 17.58
CA GLY A 132 -16.34 -10.62 17.85
C GLY A 132 -14.94 -11.18 17.90
N GLU A 133 -14.74 -12.42 17.45
CA GLU A 133 -13.40 -13.02 17.59
C GLU A 133 -12.82 -13.52 16.28
N TYR A 134 -11.54 -13.20 16.01
CA TYR A 134 -10.85 -13.69 14.79
C TYR A 134 -10.19 -15.04 14.98
N HIS A 135 -10.59 -16.01 14.18
CA HIS A 135 -9.95 -17.33 14.22
C HIS A 135 -9.08 -17.53 12.99
N LEU A 136 -7.77 -17.63 13.19
CA LEU A 136 -6.84 -17.86 12.09
C LEU A 136 -6.94 -19.29 11.56
N LEU A 137 -7.07 -19.44 10.24
CA LEU A 137 -7.21 -20.75 9.60
C LEU A 137 -5.97 -21.28 8.88
N THR A 138 -5.10 -20.39 8.42
CA THR A 138 -3.93 -20.76 7.63
C THR A 138 -2.66 -20.53 8.44
N SER A 139 -1.56 -21.11 7.99
CA SER A 139 -0.30 -20.88 8.65
C SER A 139 0.63 -20.30 7.61
N ASP A 140 1.31 -19.20 7.94
CA ASP A 140 2.18 -18.52 7.01
C ASP A 140 3.29 -19.48 6.57
N HIS A 141 3.55 -19.58 5.27
CA HIS A 141 4.72 -20.33 4.83
C HIS A 141 5.92 -19.43 4.87
N SER A 142 6.54 -19.35 6.03
CA SER A 142 7.55 -18.36 6.30
C SER A 142 8.71 -19.03 6.99
N LEU A 143 9.81 -18.30 7.10
CA LEU A 143 11.00 -18.80 7.76
C LEU A 143 10.76 -19.06 9.25
N VAL A 144 10.16 -18.10 9.96
CA VAL A 144 9.97 -18.23 11.41
C VAL A 144 9.05 -19.40 11.78
N ASN A 145 8.07 -19.72 10.92
CA ASN A 145 7.21 -20.89 11.17
C ASN A 145 7.92 -22.22 10.94
N GLU A 146 8.93 -22.26 10.08
CA GLU A 146 9.76 -23.46 9.89
C GLU A 146 10.61 -23.73 11.13
N LEU A 147 11.18 -22.65 11.68
CA LEU A 147 11.97 -22.71 12.90
C LEU A 147 11.14 -23.22 14.10
N VAL A 148 9.86 -22.84 14.16
CA VAL A 148 9.02 -23.32 15.23
C VAL A 148 8.81 -24.82 15.07
N LYS A 149 8.38 -25.22 13.88
CA LYS A 149 8.07 -26.61 13.56
C LYS A 149 9.25 -27.59 13.71
N ALA A 150 10.47 -27.12 13.47
CA ALA A 150 11.66 -27.96 13.70
C ALA A 150 12.14 -27.90 15.15
N GLY A 151 11.46 -27.12 15.99
CA GLY A 151 11.82 -27.03 17.40
C GLY A 151 13.03 -26.15 17.66
N GLN A 152 13.11 -25.03 16.96
CA GLN A 152 14.21 -24.09 17.13
C GLN A 152 13.74 -22.73 17.63
N LEU A 153 12.43 -22.53 17.67
CA LEU A 153 11.83 -21.37 18.30
C LEU A 153 10.53 -21.81 18.98
N THR A 154 10.15 -21.13 20.05
CA THR A 154 8.79 -21.21 20.56
C THR A 154 7.91 -20.26 19.76
N GLU A 155 6.62 -20.53 19.79
CA GLU A 155 5.61 -19.67 19.16
C GLU A 155 5.64 -18.21 19.64
N GLU A 156 5.90 -18.01 20.93
CA GLU A 156 6.06 -16.69 21.53
C GLU A 156 7.29 -15.99 20.98
N GLU A 157 8.39 -16.74 20.82
CA GLU A 157 9.62 -16.18 20.23
C GLU A 157 9.46 -15.73 18.78
N ALA A 158 8.68 -16.48 18.00
CA ALA A 158 8.46 -16.15 16.58
C ALA A 158 7.59 -14.93 16.41
N ALA A 159 6.72 -14.69 17.39
CA ALA A 159 5.83 -13.55 17.35
C ALA A 159 6.58 -12.23 17.50
N SER A 160 7.75 -12.29 18.14
CA SER A 160 8.59 -11.11 18.33
C SER A 160 9.94 -11.21 17.59
N HIS A 161 10.01 -12.08 16.59
CA HIS A 161 11.20 -12.14 15.75
C HIS A 161 11.34 -10.82 14.99
N PRO A 162 12.53 -10.21 15.07
CA PRO A 162 12.83 -8.88 14.50
C PRO A 162 13.04 -8.76 12.98
N GLN A 163 13.17 -9.89 12.28
CA GLN A 163 13.31 -9.85 10.81
C GLN A 163 11.96 -9.87 10.10
N LYS A 164 11.91 -9.34 8.88
CA LYS A 164 10.70 -9.39 8.07
C LYS A 164 10.49 -10.82 7.57
N ASN A 165 9.23 -11.17 7.29
CA ASN A 165 8.91 -12.51 6.83
C ASN A 165 9.54 -12.88 5.48
N ILE A 166 10.47 -13.83 5.50
CA ILE A 166 11.00 -14.42 4.27
C ILE A 166 10.12 -15.63 3.89
N ILE A 167 9.48 -15.56 2.73
CA ILE A 167 8.56 -16.60 2.30
C ILE A 167 9.29 -17.90 1.91
N THR A 168 8.71 -19.05 2.25
CA THR A 168 9.38 -20.33 1.99
C THR A 168 8.83 -21.09 0.80
N GLN A 169 7.63 -20.72 0.34
CA GLN A 169 7.15 -21.19 -0.96
C GLN A 169 6.21 -20.21 -1.65
N SER A 170 6.20 -20.25 -2.97
CA SER A 170 5.33 -19.38 -3.71
C SER A 170 5.04 -20.09 -5.00
N ILE A 171 3.99 -19.69 -5.69
CA ILE A 171 3.69 -20.22 -7.00
C ILE A 171 4.61 -19.56 -7.98
N GLY A 172 5.31 -20.38 -8.78
CA GLY A 172 6.36 -19.96 -9.71
C GLY A 172 7.76 -20.38 -9.26
N GLN A 173 7.86 -21.48 -8.51
CA GLN A 173 9.14 -21.97 -8.00
C GLN A 173 9.52 -23.30 -8.68
N ALA A 174 10.79 -23.68 -8.58
CA ALA A 174 11.29 -24.88 -9.28
C ALA A 174 10.70 -26.20 -8.77
N ASN A 175 10.71 -26.39 -7.45
CA ASN A 175 10.12 -27.58 -6.83
C ASN A 175 8.60 -27.50 -6.89
N PRO A 176 7.89 -28.64 -6.87
CA PRO A 176 6.42 -28.56 -6.75
C PRO A 176 5.96 -27.87 -5.45
N VAL A 177 4.81 -27.19 -5.48
CA VAL A 177 4.34 -26.53 -4.26
C VAL A 177 3.55 -27.51 -3.44
N GLU A 178 3.56 -27.31 -2.12
CA GLU A 178 2.71 -28.07 -1.20
C GLU A 178 1.68 -27.12 -0.58
N PRO A 179 0.53 -26.92 -1.22
CA PRO A 179 -0.50 -26.06 -0.64
C PRO A 179 -1.18 -26.68 0.58
N ASP A 180 -1.70 -25.84 1.47
CA ASP A 180 -2.48 -26.35 2.61
C ASP A 180 -3.93 -26.31 2.19
N LEU A 181 -4.67 -27.38 2.45
CA LEU A 181 -6.10 -27.38 2.20
C LEU A 181 -6.87 -27.41 3.50
N GLY A 182 -8.11 -26.92 3.47
CA GLY A 182 -8.98 -27.01 4.64
C GLY A 182 -10.46 -26.85 4.35
N VAL A 183 -11.28 -27.70 4.95
CA VAL A 183 -12.72 -27.54 4.86
C VAL A 183 -13.25 -27.00 6.19
N HIS A 184 -14.07 -25.97 6.12
CA HIS A 184 -14.69 -25.39 7.32
C HIS A 184 -16.13 -25.04 7.13
N LEU A 185 -16.88 -25.06 8.23
CA LEU A 185 -18.28 -24.67 8.23
C LEU A 185 -18.42 -23.20 8.57
N LEU A 186 -19.22 -22.48 7.80
CA LEU A 186 -19.52 -21.09 8.14
C LEU A 186 -20.88 -21.00 8.84
N GLU A 187 -20.92 -20.35 10.00
CA GLU A 187 -22.16 -20.15 10.76
C GLU A 187 -22.82 -18.83 10.41
N GLU A 188 -24.10 -18.69 10.74
CA GLU A 188 -24.83 -17.44 10.50
C GLU A 188 -24.21 -16.29 11.28
N GLY A 189 -23.91 -15.20 10.58
CA GLY A 189 -23.26 -14.05 11.22
C GLY A 189 -21.74 -14.00 11.11
N ASP A 190 -21.13 -15.08 10.61
CA ASP A 190 -19.68 -15.15 10.41
C ASP A 190 -19.20 -14.19 9.34
N TYR A 191 -17.91 -13.86 9.39
CA TYR A 191 -17.25 -13.16 8.30
C TYR A 191 -16.03 -13.99 7.95
N LEU A 192 -15.97 -14.48 6.71
CA LEU A 192 -14.74 -15.01 6.19
C LEU A 192 -13.90 -13.81 5.82
N VAL A 193 -12.63 -13.81 6.21
CA VAL A 193 -11.73 -12.73 5.88
C VAL A 193 -10.53 -13.27 5.12
N VAL A 194 -10.47 -13.01 3.83
CA VAL A 194 -9.33 -13.44 3.04
C VAL A 194 -8.47 -12.21 2.73
N ASN A 195 -7.19 -12.24 3.10
CA ASN A 195 -6.34 -11.08 2.88
C ASN A 195 -4.85 -11.35 2.55
N SER A 196 -4.21 -10.36 1.92
CA SER A 196 -2.77 -10.41 1.66
C SER A 196 -2.14 -9.83 2.90
N ASP A 197 -0.81 -9.93 3.03
CA ASP A 197 -0.15 -9.58 4.27
C ASP A 197 -0.27 -8.10 4.63
N GLY A 198 -0.56 -7.26 3.64
CA GLY A 198 -0.65 -5.83 3.84
C GLY A 198 -1.77 -5.40 4.79
N LEU A 199 -2.78 -6.24 4.94
CA LEU A 199 -3.81 -5.98 5.92
C LEU A 199 -3.28 -6.35 7.30
N THR A 200 -2.92 -7.61 7.45
CA THR A 200 -2.55 -8.14 8.76
C THR A 200 -1.16 -7.75 9.30
N ASN A 201 -0.30 -7.19 8.46
CA ASN A 201 0.93 -6.59 8.98
C ASN A 201 0.65 -5.24 9.63
N MET A 202 -0.40 -4.57 9.19
CA MET A 202 -0.77 -3.26 9.70
C MET A 202 -1.83 -3.32 10.80
N LEU A 203 -2.73 -4.32 10.75
CA LEU A 203 -3.84 -4.43 11.73
C LEU A 203 -3.72 -5.68 12.57
N SER A 204 -4.06 -5.59 13.85
CA SER A 204 -4.16 -6.80 14.65
C SER A 204 -5.48 -7.53 14.34
N ASN A 205 -5.57 -8.81 14.70
CA ASN A 205 -6.79 -9.59 14.49
C ASN A 205 -8.03 -8.95 15.12
N ALA A 206 -7.86 -8.52 16.36
CA ALA A 206 -8.93 -7.86 17.08
C ALA A 206 -9.33 -6.52 16.44
N ASP A 207 -8.37 -5.79 15.87
CA ASP A 207 -8.65 -4.59 15.06
C ASP A 207 -9.58 -4.88 13.89
N ILE A 208 -9.35 -6.01 13.21
CA ILE A 208 -10.15 -6.45 12.05
C ILE A 208 -11.53 -6.80 12.55
N ALA A 209 -11.58 -7.57 13.64
CA ALA A 209 -12.84 -7.95 14.30
C ALA A 209 -13.67 -6.74 14.71
N THR A 210 -12.99 -5.69 15.15
CA THR A 210 -13.63 -4.44 15.54
C THR A 210 -14.31 -3.74 14.37
N VAL A 211 -13.64 -3.71 13.23
CA VAL A 211 -14.16 -2.99 12.07
C VAL A 211 -15.44 -3.66 11.58
N LEU A 212 -15.44 -4.98 11.64
CA LEU A 212 -16.54 -5.74 11.07
C LEU A 212 -17.73 -5.84 12.00
N THR A 213 -17.59 -5.38 13.26
CA THR A 213 -18.67 -5.45 14.25
C THR A 213 -19.68 -4.34 14.17
N GLN A 214 -19.38 -3.31 13.38
CA GLN A 214 -20.25 -2.16 13.27
C GLN A 214 -21.52 -2.50 12.50
N GLU A 215 -22.44 -1.55 12.48
CA GLU A 215 -23.59 -1.65 11.61
C GLU A 215 -23.33 -0.71 10.44
N LYS A 216 -22.74 -1.29 9.41
CA LYS A 216 -22.37 -0.63 8.17
C LYS A 216 -22.46 -1.73 7.10
N THR A 217 -22.43 -1.36 5.82
CA THR A 217 -22.43 -2.36 4.76
C THR A 217 -21.06 -3.03 4.69
N LEU A 218 -21.03 -4.19 4.03
CA LEU A 218 -19.81 -4.97 3.89
C LEU A 218 -18.77 -4.19 3.11
N ASP A 219 -19.20 -3.64 1.96
CA ASP A 219 -18.41 -2.73 1.15
C ASP A 219 -17.82 -1.53 1.94
N ASP A 220 -18.60 -0.91 2.84
CA ASP A 220 -18.06 0.18 3.69
C ASP A 220 -17.03 -0.34 4.70
N LYS A 221 -17.27 -1.55 5.21
CA LYS A 221 -16.36 -2.17 6.17
C LYS A 221 -15.02 -2.50 5.53
N ASN A 222 -15.06 -2.97 4.29
CA ASN A 222 -13.85 -3.31 3.56
C ASN A 222 -13.04 -2.04 3.29
N GLN A 223 -13.75 -0.95 2.99
CA GLN A 223 -13.11 0.37 2.81
C GLN A 223 -12.47 0.84 4.11
N ASP A 224 -13.14 0.61 5.24
CA ASP A 224 -12.60 0.94 6.55
C ASP A 224 -11.36 0.14 6.92
N LEU A 225 -11.30 -1.09 6.45
CA LEU A 225 -10.14 -1.94 6.69
C LEU A 225 -8.89 -1.43 5.99
N ILE A 226 -9.02 -0.97 4.74
CA ILE A 226 -7.84 -0.52 4.03
C ILE A 226 -7.41 0.89 4.44
N THR A 227 -8.40 1.71 4.80
CA THR A 227 -8.17 3.07 5.32
C THR A 227 -7.34 2.97 6.58
N LEU A 228 -7.78 2.12 7.51
CA LEU A 228 -7.04 1.84 8.74
C LEU A 228 -5.64 1.26 8.48
N ALA A 229 -5.53 0.36 7.51
CA ALA A 229 -4.24 -0.21 7.18
C ALA A 229 -3.29 0.85 6.62
N ASN A 230 -3.85 1.80 5.88
CA ASN A 230 -3.08 2.94 5.40
C ASN A 230 -2.67 3.87 6.55
N HIS A 231 -3.59 4.14 7.48
CA HIS A 231 -3.31 4.98 8.63
C HIS A 231 -2.22 4.39 9.49
N ARG A 232 -2.22 3.07 9.64
CA ARG A 232 -1.14 2.38 10.35
C ARG A 232 0.19 2.38 9.60
N GLY A 233 0.19 2.75 8.33
CA GLY A 233 1.46 2.85 7.59
C GLY A 233 1.37 2.60 6.10
N GLY A 234 0.51 1.64 5.74
CA GLY A 234 0.30 1.28 4.34
C GLY A 234 1.54 0.80 3.59
N LEU A 235 2.46 0.15 4.29
CA LEU A 235 3.77 -0.20 3.73
C LEU A 235 3.75 -1.23 2.61
N ASP A 236 2.60 -1.82 2.35
CA ASP A 236 2.51 -2.86 1.34
C ASP A 236 1.14 -2.76 0.72
N ASN A 237 0.96 -3.40 -0.44
CA ASN A 237 -0.35 -3.54 -1.06
C ASN A 237 -1.31 -4.25 -0.13
N ILE A 238 -2.52 -3.73 0.00
CA ILE A 238 -3.55 -4.34 0.86
C ILE A 238 -4.65 -4.86 -0.02
N THR A 239 -5.12 -6.08 0.22
CA THR A 239 -6.10 -6.71 -0.65
C THR A 239 -6.96 -7.65 0.17
N VAL A 240 -8.27 -7.45 0.16
CA VAL A 240 -9.17 -8.19 1.06
C VAL A 240 -10.42 -8.71 0.36
N ALA A 241 -10.75 -9.98 0.59
CA ALA A 241 -12.07 -10.50 0.28
C ALA A 241 -12.84 -10.76 1.58
N LEU A 242 -14.03 -10.21 1.68
CA LEU A 242 -14.87 -10.47 2.83
C LEU A 242 -16.11 -11.20 2.39
N VAL A 243 -16.49 -12.24 3.13
CA VAL A 243 -17.75 -12.95 2.92
C VAL A 243 -18.57 -12.90 4.21
N TYR A 244 -19.78 -12.35 4.16
CA TYR A 244 -20.69 -12.31 5.32
C TYR A 244 -21.81 -13.33 5.14
N VAL A 245 -22.11 -14.09 6.20
CA VAL A 245 -23.11 -15.18 6.10
C VAL A 245 -24.44 -14.71 6.65
N GLU A 246 -25.39 -14.46 5.76
CA GLU A 246 -26.64 -13.79 6.11
C GLU A 246 -27.58 -14.63 6.97
N SER A 247 -28.35 -13.93 7.82
CA SER A 247 -29.29 -14.53 8.75
C SER A 247 -30.72 -14.40 8.24
N ALA B 1 -41.44 -29.93 -16.54
CA ALA B 1 -40.42 -28.99 -17.09
C ALA B 1 -39.15 -29.72 -17.51
N ARG B 2 -38.66 -29.44 -18.71
CA ARG B 2 -37.41 -30.00 -19.22
C ARG B 2 -36.20 -29.18 -18.75
N LYS B 3 -35.37 -29.79 -17.91
CA LYS B 3 -34.22 -29.10 -17.32
C LYS B 3 -33.08 -28.88 -18.32
N LYS B 4 -32.59 -27.65 -18.37
CA LYS B 4 -31.53 -27.24 -19.27
C LYS B 4 -30.59 -26.35 -18.49
N TYR B 5 -29.30 -26.35 -18.84
CA TYR B 5 -28.40 -25.37 -18.25
C TYR B 5 -28.39 -24.03 -19.01
N MET B 6 -28.94 -23.00 -18.39
CA MET B 6 -28.99 -21.71 -19.06
C MET B 6 -28.03 -20.74 -18.43
N GLU B 7 -27.06 -20.27 -19.20
CA GLU B 7 -26.12 -19.30 -18.67
C GLU B 7 -26.75 -17.94 -18.96
N ILE B 8 -26.72 -17.05 -17.96
CA ILE B 8 -27.22 -15.68 -18.10
C ILE B 8 -26.05 -14.72 -17.95
N SER B 9 -25.99 -13.71 -18.81
CA SER B 9 -24.92 -12.72 -18.82
C SER B 9 -25.56 -11.34 -18.97
N LEU B 10 -25.19 -10.38 -18.11
CA LEU B 10 -25.78 -9.02 -18.08
C LEU B 10 -24.73 -7.91 -18.22
N LEU B 11 -24.99 -6.94 -19.11
CA LEU B 11 -24.06 -5.81 -19.23
C LEU B 11 -24.79 -4.53 -19.59
N THR B 12 -24.40 -3.44 -18.92
CA THR B 12 -24.83 -2.10 -19.29
C THR B 12 -23.61 -1.20 -19.60
N ASP B 13 -23.81 -0.24 -20.49
CA ASP B 13 -22.75 0.67 -20.83
C ASP B 13 -23.33 2.04 -21.07
N ILE B 14 -22.58 3.06 -20.68
CA ILE B 14 -23.00 4.44 -20.85
C ILE B 14 -23.09 4.86 -22.33
N GLY B 15 -22.20 4.34 -23.16
CA GLY B 15 -22.17 4.70 -24.58
C GLY B 15 -21.16 5.79 -24.81
N GLN B 16 -20.94 6.16 -26.07
CA GLN B 16 -19.94 7.16 -26.41
C GLN B 16 -20.36 8.60 -26.16
N ARG B 17 -21.64 8.89 -26.32
CA ARG B 17 -22.08 10.28 -26.38
C ARG B 17 -22.80 10.75 -25.13
N ARG B 18 -23.35 9.82 -24.35
CA ARG B 18 -24.07 10.25 -23.15
C ARG B 18 -23.21 10.25 -21.89
N SER B 19 -23.61 11.03 -20.90
CA SER B 19 -22.79 11.19 -19.70
C SER B 19 -23.54 10.67 -18.48
N ASN B 20 -24.78 10.26 -18.72
CA ASN B 20 -25.61 9.67 -17.68
C ASN B 20 -26.14 8.36 -18.24
N ASN B 21 -26.10 7.29 -17.44
CA ASN B 21 -26.74 6.02 -17.83
C ASN B 21 -28.18 5.96 -17.30
N GLN B 22 -29.15 5.85 -18.21
CA GLN B 22 -30.56 5.81 -17.84
C GLN B 22 -31.18 4.43 -18.02
N ASP B 23 -30.40 3.49 -18.52
CA ASP B 23 -30.85 2.10 -18.60
C ASP B 23 -30.68 1.47 -17.22
N PHE B 24 -31.42 0.40 -16.95
CA PHE B 24 -31.13 -0.43 -15.78
C PHE B 24 -31.40 -1.88 -16.08
N ILE B 25 -30.58 -2.75 -15.53
CA ILE B 25 -30.76 -4.19 -15.72
C ILE B 25 -30.42 -4.95 -14.44
N ASN B 26 -31.21 -5.96 -14.09
CA ASN B 26 -30.81 -6.94 -13.10
C ASN B 26 -31.53 -8.30 -13.28
N GLN B 27 -31.07 -9.32 -12.54
CA GLN B 27 -31.68 -10.64 -12.55
C GLN B 27 -32.05 -11.06 -11.14
N PHE B 28 -33.06 -11.91 -11.04
CA PHE B 28 -33.63 -12.26 -9.76
C PHE B 28 -34.06 -13.71 -9.83
N GLU B 29 -34.44 -14.28 -8.69
CA GLU B 29 -34.78 -15.69 -8.60
C GLU B 29 -35.83 -15.79 -7.51
N ASN B 30 -36.89 -16.55 -7.75
CA ASN B 30 -37.93 -16.66 -6.72
C ASN B 30 -37.66 -17.86 -5.82
N LYS B 31 -38.58 -18.14 -4.90
CA LYS B 31 -38.36 -19.15 -3.87
C LYS B 31 -38.43 -20.57 -4.40
N ALA B 32 -39.00 -20.69 -5.59
CA ALA B 32 -39.09 -21.96 -6.30
C ALA B 32 -38.07 -22.04 -7.44
N GLY B 33 -36.96 -21.33 -7.28
CA GLY B 33 -35.86 -21.39 -8.25
C GLY B 33 -36.06 -20.84 -9.65
N VAL B 34 -37.16 -20.13 -9.91
CA VAL B 34 -37.45 -19.60 -11.24
C VAL B 34 -36.81 -18.22 -11.45
N PRO B 35 -35.83 -18.11 -12.38
CA PRO B 35 -35.17 -16.84 -12.65
C PRO B 35 -36.05 -15.79 -13.34
N LEU B 36 -35.72 -14.51 -13.15
CA LEU B 36 -36.37 -13.43 -13.88
C LEU B 36 -35.29 -12.44 -14.27
N ILE B 37 -35.30 -12.03 -15.53
CA ILE B 37 -34.40 -10.98 -16.00
C ILE B 37 -35.26 -9.75 -16.25
N ILE B 38 -34.85 -8.58 -15.78
CA ILE B 38 -35.59 -7.38 -16.14
C ILE B 38 -34.68 -6.31 -16.72
N LEU B 39 -34.98 -5.88 -17.94
CA LEU B 39 -34.23 -4.80 -18.54
C LEU B 39 -35.16 -3.60 -18.64
N ALA B 40 -34.64 -2.40 -18.41
CA ALA B 40 -35.47 -1.19 -18.48
C ALA B 40 -34.72 0.03 -19.04
N ASP B 41 -35.28 0.72 -20.03
CA ASP B 41 -34.62 1.91 -20.59
C ASP B 41 -35.32 3.20 -20.18
N GLY B 42 -34.74 3.90 -19.22
CA GLY B 42 -35.32 5.14 -18.75
C GLY B 42 -35.26 6.33 -19.69
N MET B 43 -36.18 7.25 -19.49
CA MET B 43 -36.23 8.55 -20.16
C MET B 43 -36.68 9.54 -19.08
N GLY B 44 -36.20 10.76 -19.17
CA GLY B 44 -36.50 11.69 -18.09
C GLY B 44 -35.99 13.06 -18.36
N GLY B 45 -34.82 13.36 -17.82
CA GLY B 45 -34.25 14.69 -17.95
C GLY B 45 -32.98 14.79 -17.12
N HIS B 46 -33.12 15.31 -15.90
CA HIS B 46 -32.01 15.50 -14.96
C HIS B 46 -31.51 14.15 -14.46
N ARG B 47 -32.22 13.58 -13.49
CA ARG B 47 -31.90 12.24 -13.01
C ARG B 47 -33.12 11.33 -13.07
N ALA B 48 -34.19 11.81 -13.71
CA ALA B 48 -35.48 11.12 -13.72
C ALA B 48 -35.44 9.72 -14.37
N GLY B 49 -34.82 9.64 -15.55
CA GLY B 49 -34.68 8.38 -16.28
C GLY B 49 -33.96 7.26 -15.53
N ASN B 50 -32.90 7.62 -14.80
CA ASN B 50 -32.24 6.74 -13.83
C ASN B 50 -33.23 6.15 -12.84
N ILE B 51 -34.01 7.04 -12.23
CA ILE B 51 -34.93 6.69 -11.15
C ILE B 51 -36.00 5.72 -11.63
N ALA B 52 -36.72 6.08 -12.69
CA ALA B 52 -37.77 5.22 -13.26
C ALA B 52 -37.28 3.83 -13.64
N SER B 53 -36.18 3.75 -14.38
CA SER B 53 -35.60 2.45 -14.70
C SER B 53 -35.12 1.66 -13.48
N GLU B 54 -34.32 2.27 -12.60
CA GLU B 54 -33.86 1.55 -11.39
C GLU B 54 -35.02 1.10 -10.51
N MET B 55 -35.98 1.98 -10.29
CA MET B 55 -37.12 1.69 -9.43
C MET B 55 -37.98 0.53 -9.94
N THR B 56 -38.32 0.56 -11.22
CA THR B 56 -39.11 -0.49 -11.82
C THR B 56 -38.50 -1.88 -11.65
N VAL B 57 -37.24 -2.00 -12.07
CA VAL B 57 -36.49 -3.25 -11.98
C VAL B 57 -36.36 -3.75 -10.53
N THR B 58 -36.01 -2.84 -9.61
CA THR B 58 -35.80 -3.20 -8.20
C THR B 58 -37.13 -3.50 -7.49
N ASP B 59 -38.19 -2.80 -7.86
CA ASP B 59 -39.50 -3.12 -7.27
C ASP B 59 -40.02 -4.45 -7.76
N LEU B 60 -40.01 -4.69 -9.06
CA LEU B 60 -40.51 -5.97 -9.58
C LEU B 60 -39.63 -7.13 -9.13
N GLY B 61 -38.32 -6.90 -9.10
CA GLY B 61 -37.36 -7.91 -8.66
C GLY B 61 -37.39 -8.34 -7.20
N SER B 62 -37.69 -7.41 -6.29
CA SER B 62 -37.77 -7.70 -4.86
C SER B 62 -39.06 -8.43 -4.58
N ASP B 63 -40.11 -8.05 -5.31
CA ASP B 63 -41.43 -8.68 -5.22
C ASP B 63 -41.39 -10.08 -5.83
N TRP B 64 -40.60 -10.27 -6.90
CA TRP B 64 -40.41 -11.58 -7.54
C TRP B 64 -39.74 -12.55 -6.60
N ALA B 65 -38.73 -12.06 -5.88
CA ALA B 65 -37.92 -12.88 -5.00
C ALA B 65 -38.70 -13.52 -3.85
N GLU B 66 -39.83 -12.91 -3.47
CA GLU B 66 -40.65 -13.48 -2.39
C GLU B 66 -41.77 -14.42 -2.87
N THR B 67 -41.93 -14.57 -4.18
CA THR B 67 -43.01 -15.39 -4.73
C THR B 67 -42.68 -16.87 -4.77
N ASP B 68 -43.71 -17.64 -5.11
CA ASP B 68 -43.78 -19.04 -4.80
C ASP B 68 -43.85 -19.87 -6.06
N PHE B 69 -44.29 -19.24 -7.13
CA PHE B 69 -44.84 -20.01 -8.20
C PHE B 69 -43.86 -20.49 -9.25
N SER B 70 -44.23 -21.59 -9.90
CA SER B 70 -43.39 -22.18 -10.90
C SER B 70 -44.11 -22.41 -12.22
N GLU B 71 -45.38 -22.02 -12.31
CA GLU B 71 -46.09 -22.24 -13.57
C GLU B 71 -46.13 -21.02 -14.47
N LEU B 72 -46.07 -21.25 -15.78
CA LEU B 72 -46.18 -20.18 -16.76
C LEU B 72 -47.44 -19.30 -16.64
N SER B 73 -48.57 -19.86 -16.23
CA SER B 73 -49.79 -19.07 -16.08
C SER B 73 -49.76 -18.15 -14.86
N GLU B 74 -49.07 -18.58 -13.81
CA GLU B 74 -49.00 -17.80 -12.59
C GLU B 74 -48.09 -16.57 -12.77
N ILE B 75 -47.00 -16.79 -13.49
CA ILE B 75 -46.05 -15.76 -13.85
C ILE B 75 -46.70 -14.68 -14.72
N ARG B 76 -47.50 -15.14 -15.69
CA ARG B 76 -48.26 -14.27 -16.57
C ARG B 76 -49.17 -13.31 -15.82
N ASP B 77 -50.00 -13.83 -14.91
CA ASP B 77 -50.85 -12.98 -14.07
C ASP B 77 -50.02 -11.98 -13.26
N TRP B 78 -48.96 -12.50 -12.64
CA TRP B 78 -48.03 -11.67 -11.89
C TRP B 78 -47.40 -10.55 -12.71
N MET B 79 -47.00 -10.85 -13.95
CA MET B 79 -46.44 -9.83 -14.82
C MET B 79 -47.46 -8.74 -15.10
N LEU B 80 -48.65 -9.13 -15.55
CA LEU B 80 -49.71 -8.18 -15.87
C LEU B 80 -50.03 -7.23 -14.71
N VAL B 81 -50.47 -7.78 -13.57
CA VAL B 81 -50.70 -7.03 -12.32
C VAL B 81 -49.52 -6.16 -11.86
N SER B 82 -48.30 -6.69 -11.90
CA SER B 82 -47.10 -5.95 -11.47
C SER B 82 -46.83 -4.72 -12.30
N ILE B 83 -47.02 -4.86 -13.61
CA ILE B 83 -46.73 -3.81 -14.56
C ILE B 83 -47.73 -2.70 -14.39
N GLU B 84 -48.98 -3.05 -14.15
CA GLU B 84 -49.99 -2.01 -13.90
C GLU B 84 -49.82 -1.27 -12.57
N THR B 85 -49.41 -1.95 -11.51
CA THR B 85 -49.20 -1.22 -10.28
C THR B 85 -47.90 -0.39 -10.31
N GLU B 86 -46.93 -0.82 -11.11
CA GLU B 86 -45.70 -0.06 -11.25
C GLU B 86 -45.87 1.13 -12.19
N ASN B 87 -46.72 0.98 -13.19
CA ASN B 87 -47.06 2.09 -14.07
C ASN B 87 -47.67 3.25 -13.30
N ARG B 88 -48.69 2.93 -12.51
CA ARG B 88 -49.33 3.85 -11.61
C ARG B 88 -48.32 4.49 -10.66
N LYS B 89 -47.46 3.67 -10.05
CA LYS B 89 -46.41 4.19 -9.14
C LYS B 89 -45.45 5.21 -9.76
N ILE B 90 -44.91 4.90 -10.93
CA ILE B 90 -43.97 5.80 -11.61
C ILE B 90 -44.67 7.07 -12.11
N TYR B 91 -45.89 6.93 -12.62
CA TYR B 91 -46.63 8.11 -13.10
C TYR B 91 -46.90 9.09 -11.96
N GLU B 92 -47.36 8.58 -10.81
CA GLU B 92 -47.62 9.41 -9.63
C GLU B 92 -46.36 10.08 -9.08
N LEU B 93 -45.27 9.31 -9.04
CA LEU B 93 -43.98 9.86 -8.65
C LEU B 93 -43.44 10.91 -9.64
N GLY B 94 -43.82 10.80 -10.90
CA GLY B 94 -43.40 11.77 -11.90
C GLY B 94 -44.20 13.06 -11.97
N GLN B 95 -45.02 13.29 -10.93
CA GLN B 95 -45.72 14.54 -10.79
C GLN B 95 -44.90 15.46 -9.89
N SER B 96 -43.89 14.89 -9.26
CA SER B 96 -43.00 15.67 -8.42
C SER B 96 -42.11 16.51 -9.30
N ASP B 97 -41.51 17.51 -8.68
CA ASP B 97 -40.74 18.50 -9.41
C ASP B 97 -39.48 17.89 -10.02
N ASP B 98 -38.73 17.17 -9.19
CA ASP B 98 -37.48 16.58 -9.63
C ASP B 98 -37.62 15.33 -10.51
N TYR B 99 -38.83 14.80 -10.65
CA TYR B 99 -39.02 13.65 -11.52
C TYR B 99 -39.98 13.91 -12.68
N LYS B 100 -40.27 15.16 -13.00
CA LYS B 100 -41.30 15.46 -14.01
C LYS B 100 -41.10 14.72 -15.34
N GLY B 101 -42.15 14.05 -15.82
CA GLY B 101 -42.14 13.35 -17.12
C GLY B 101 -41.33 12.06 -17.18
N MET B 102 -41.15 11.45 -16.02
CA MET B 102 -40.38 10.23 -15.81
C MET B 102 -41.00 9.06 -16.54
N GLY B 103 -40.17 8.20 -17.11
CA GLY B 103 -40.66 7.04 -17.82
C GLY B 103 -39.61 6.00 -18.13
N THR B 104 -40.04 4.75 -18.32
CA THR B 104 -39.15 3.66 -18.73
C THR B 104 -39.84 2.63 -19.63
N THR B 105 -39.03 1.98 -20.48
CA THR B 105 -39.47 0.80 -21.23
C THR B 105 -39.32 -0.37 -20.27
N ILE B 106 -39.83 -1.53 -20.65
CA ILE B 106 -39.58 -2.72 -19.86
C ILE B 106 -39.56 -3.99 -20.72
N GLU B 107 -38.65 -4.90 -20.36
CA GLU B 107 -38.68 -6.28 -20.80
C GLU B 107 -38.47 -7.14 -19.59
N ALA B 108 -39.42 -8.03 -19.33
CA ALA B 108 -39.30 -8.96 -18.21
C ALA B 108 -39.39 -10.37 -18.75
N VAL B 109 -38.35 -11.17 -18.54
CA VAL B 109 -38.29 -12.54 -19.07
C VAL B 109 -38.12 -13.53 -17.93
N ALA B 110 -38.99 -14.55 -17.86
CA ALA B 110 -38.88 -15.60 -16.86
C ALA B 110 -38.56 -16.92 -17.56
N ILE B 111 -37.78 -17.80 -16.93
CA ILE B 111 -37.40 -19.04 -17.59
C ILE B 111 -37.96 -20.22 -16.84
N VAL B 112 -38.85 -20.97 -17.47
CA VAL B 112 -39.42 -22.16 -16.83
C VAL B 112 -39.05 -23.38 -17.68
N GLY B 113 -38.10 -24.17 -17.18
CA GLY B 113 -37.46 -25.20 -18.01
C GLY B 113 -36.75 -24.61 -19.22
N ASP B 114 -37.22 -24.95 -20.42
CA ASP B 114 -36.69 -24.35 -21.64
C ASP B 114 -37.72 -23.47 -22.31
N ASN B 115 -38.75 -23.10 -21.55
CA ASN B 115 -39.69 -22.09 -22.01
C ASN B 115 -39.35 -20.74 -21.40
N ILE B 116 -39.64 -19.67 -22.13
CA ILE B 116 -39.58 -18.34 -21.56
C ILE B 116 -40.95 -17.72 -21.67
N ILE B 117 -41.28 -16.84 -20.76
CA ILE B 117 -42.40 -15.97 -20.97
C ILE B 117 -41.94 -14.52 -20.80
N PHE B 118 -42.30 -13.66 -21.74
CA PHE B 118 -41.91 -12.28 -21.61
C PHE B 118 -43.06 -11.30 -21.53
N ALA B 119 -42.79 -10.11 -20.97
CA ALA B 119 -43.72 -8.98 -21.00
C ALA B 119 -43.01 -7.75 -21.56
N HIS B 120 -43.63 -7.08 -22.53
CA HIS B 120 -42.89 -6.13 -23.33
C HIS B 120 -43.59 -4.77 -23.45
N VAL B 121 -42.90 -3.68 -23.12
CA VAL B 121 -43.46 -2.33 -23.25
C VAL B 121 -42.39 -1.36 -23.77
N GLY B 122 -42.64 -0.70 -24.90
CA GLY B 122 -41.67 0.25 -25.45
C GLY B 122 -40.90 -0.24 -26.66
N ASP B 123 -39.70 0.32 -26.87
CA ASP B 123 -38.90 -0.01 -28.07
C ASP B 123 -37.61 -0.76 -27.76
N SER B 124 -37.58 -1.43 -26.62
CA SER B 124 -36.54 -2.37 -26.32
C SER B 124 -36.92 -3.68 -27.02
N ARG B 125 -35.96 -4.59 -27.19
CA ARG B 125 -36.21 -5.74 -28.04
C ARG B 125 -35.81 -7.04 -27.40
N ILE B 126 -36.49 -8.11 -27.81
CA ILE B 126 -36.12 -9.48 -27.45
C ILE B 126 -35.98 -10.32 -28.72
N GLY B 127 -34.89 -11.06 -28.83
CA GLY B 127 -34.63 -11.83 -30.03
C GLY B 127 -34.00 -13.16 -29.72
N ILE B 128 -34.07 -14.06 -30.70
CA ILE B 128 -33.43 -15.36 -30.55
C ILE B 128 -32.40 -15.50 -31.66
N VAL B 129 -31.19 -15.90 -31.32
CA VAL B 129 -30.20 -16.25 -32.34
C VAL B 129 -30.11 -17.77 -32.43
N ARG B 130 -30.46 -18.30 -33.60
CA ARG B 130 -30.56 -19.74 -33.84
C ARG B 130 -29.97 -20.07 -35.22
N GLN B 131 -29.03 -21.01 -35.26
CA GLN B 131 -28.24 -21.32 -36.49
C GLN B 131 -27.68 -20.13 -37.26
N GLY B 132 -27.12 -19.15 -36.54
CA GLY B 132 -26.48 -18.00 -37.16
C GLY B 132 -27.47 -16.96 -37.61
N GLU B 133 -28.70 -17.07 -37.13
CA GLU B 133 -29.74 -16.15 -37.61
C GLU B 133 -30.57 -15.58 -36.46
N TYR B 134 -30.78 -14.27 -36.52
CA TYR B 134 -31.57 -13.54 -35.54
C TYR B 134 -33.05 -13.46 -35.95
N HIS B 135 -33.94 -13.85 -35.02
CA HIS B 135 -35.37 -13.68 -35.19
C HIS B 135 -35.95 -12.75 -34.12
N LEU B 136 -36.59 -11.68 -34.56
CA LEU B 136 -37.22 -10.72 -33.66
C LEU B 136 -38.51 -11.25 -33.08
N LEU B 137 -38.64 -11.21 -31.75
CA LEU B 137 -39.86 -11.69 -31.08
C LEU B 137 -40.84 -10.57 -30.75
N THR B 138 -40.35 -9.37 -30.48
CA THR B 138 -41.22 -8.25 -30.08
C THR B 138 -41.50 -7.24 -31.20
N SER B 139 -42.38 -6.29 -30.93
CA SER B 139 -42.70 -5.27 -31.91
C SER B 139 -42.59 -3.91 -31.24
N ASP B 140 -41.75 -3.05 -31.79
CA ASP B 140 -41.48 -1.77 -31.17
C ASP B 140 -42.81 -1.02 -31.04
N HIS B 141 -43.14 -0.61 -29.81
CA HIS B 141 -44.26 0.31 -29.62
C HIS B 141 -43.87 1.71 -30.05
N SER B 142 -44.03 1.96 -31.35
CA SER B 142 -43.51 3.15 -31.98
C SER B 142 -44.54 3.80 -32.86
N LEU B 143 -44.27 5.06 -33.20
CA LEU B 143 -45.10 5.82 -34.10
C LEU B 143 -45.14 5.15 -35.49
N VAL B 144 -43.99 4.72 -36.04
CA VAL B 144 -44.04 4.14 -37.38
C VAL B 144 -44.78 2.81 -37.43
N ASN B 145 -44.66 2.01 -36.36
CA ASN B 145 -45.44 0.77 -36.28
C ASN B 145 -46.95 1.02 -36.07
N GLU B 146 -47.33 2.18 -35.54
CA GLU B 146 -48.75 2.51 -35.47
C GLU B 146 -49.28 2.89 -36.85
N LEU B 147 -48.44 3.49 -37.67
CA LEU B 147 -48.79 3.85 -39.05
C LEU B 147 -48.94 2.59 -39.90
N VAL B 148 -48.08 1.60 -39.68
CA VAL B 148 -48.13 0.35 -40.46
C VAL B 148 -49.39 -0.45 -40.17
N LYS B 149 -49.70 -0.58 -38.88
CA LYS B 149 -50.86 -1.35 -38.43
C LYS B 149 -52.19 -0.67 -38.81
N ALA B 150 -52.18 0.65 -38.92
CA ALA B 150 -53.35 1.41 -39.38
C ALA B 150 -53.43 1.49 -40.91
N GLY B 151 -52.48 0.86 -41.61
CA GLY B 151 -52.52 0.80 -43.07
C GLY B 151 -52.15 2.10 -43.75
N GLN B 152 -51.26 2.86 -43.11
CA GLN B 152 -50.86 4.15 -43.64
C GLN B 152 -49.40 4.12 -44.06
N LEU B 153 -48.68 3.06 -43.68
CA LEU B 153 -47.36 2.80 -44.20
C LEU B 153 -47.17 1.30 -44.47
N THR B 154 -46.30 0.94 -45.43
CA THR B 154 -45.89 -0.44 -45.56
C THR B 154 -44.69 -0.71 -44.67
N GLU B 155 -44.35 -1.98 -44.53
CA GLU B 155 -43.25 -2.41 -43.69
C GLU B 155 -41.92 -1.81 -44.11
N GLU B 156 -41.66 -1.87 -45.42
CA GLU B 156 -40.42 -1.43 -46.03
C GLU B 156 -40.29 0.07 -45.97
N GLU B 157 -41.42 0.75 -46.06
CA GLU B 157 -41.48 2.19 -45.89
C GLU B 157 -41.15 2.62 -44.47
N ALA B 158 -41.59 1.81 -43.50
CA ALA B 158 -41.33 2.12 -42.09
C ALA B 158 -39.88 1.94 -41.72
N ALA B 159 -39.22 0.99 -42.39
CA ALA B 159 -37.81 0.69 -42.15
C ALA B 159 -36.89 1.80 -42.66
N SER B 160 -37.36 2.61 -43.60
CA SER B 160 -36.57 3.73 -44.10
C SER B 160 -37.20 5.12 -43.79
N HIS B 161 -37.93 5.21 -42.69
CA HIS B 161 -38.49 6.48 -42.27
C HIS B 161 -37.34 7.32 -41.68
N PRO B 162 -37.22 8.56 -42.15
CA PRO B 162 -36.09 9.43 -41.78
C PRO B 162 -36.13 10.04 -40.37
N GLN B 163 -37.17 9.78 -39.58
CA GLN B 163 -37.22 10.30 -38.21
C GLN B 163 -36.93 9.22 -37.17
N LYS B 164 -36.28 9.60 -36.06
CA LYS B 164 -36.06 8.65 -34.97
C LYS B 164 -37.39 8.32 -34.30
N ASN B 165 -37.41 7.17 -33.65
CA ASN B 165 -38.64 6.59 -33.13
C ASN B 165 -39.31 7.45 -32.07
N ILE B 166 -40.62 7.57 -32.17
CA ILE B 166 -41.41 8.20 -31.12
C ILE B 166 -42.15 7.09 -30.37
N ILE B 167 -41.91 7.01 -29.06
CA ILE B 167 -42.40 5.90 -28.27
C ILE B 167 -43.89 6.11 -27.90
N THR B 168 -44.71 5.07 -28.01
CA THR B 168 -46.16 5.26 -27.91
C THR B 168 -46.74 4.82 -26.59
N GLN B 169 -45.94 4.08 -25.83
CA GLN B 169 -46.24 3.84 -24.46
C GLN B 169 -44.97 3.59 -23.65
N SER B 170 -45.08 3.81 -22.35
CA SER B 170 -43.98 3.61 -21.46
C SER B 170 -44.55 3.40 -20.07
N ILE B 171 -43.72 2.96 -19.14
CA ILE B 171 -44.14 2.81 -17.78
C ILE B 171 -43.93 4.16 -17.14
N GLY B 172 -44.99 4.70 -16.54
CA GLY B 172 -45.01 6.05 -15.99
C GLY B 172 -45.94 6.96 -16.76
N GLN B 173 -47.03 6.42 -17.28
CA GLN B 173 -48.02 7.23 -18.00
C GLN B 173 -49.43 7.21 -17.34
N ALA B 174 -50.25 8.17 -17.75
CA ALA B 174 -51.57 8.38 -17.17
C ALA B 174 -52.55 7.26 -17.49
N ASN B 175 -52.53 6.80 -18.74
CA ASN B 175 -53.43 5.76 -19.20
C ASN B 175 -52.85 4.38 -18.88
N PRO B 176 -53.69 3.33 -18.85
CA PRO B 176 -53.15 1.98 -18.63
C PRO B 176 -52.24 1.51 -19.76
N VAL B 177 -51.17 0.79 -19.44
CA VAL B 177 -50.35 0.25 -20.51
C VAL B 177 -50.83 -1.13 -20.96
N GLU B 178 -50.57 -1.44 -22.23
CA GLU B 178 -50.91 -2.74 -22.76
C GLU B 178 -49.60 -3.39 -23.17
N PRO B 179 -49.06 -4.25 -22.29
CA PRO B 179 -47.86 -5.03 -22.62
C PRO B 179 -48.16 -6.09 -23.64
N ASP B 180 -47.14 -6.51 -24.39
CA ASP B 180 -47.25 -7.70 -25.22
C ASP B 180 -46.64 -8.85 -24.44
N LEU B 181 -47.29 -10.00 -24.49
CA LEU B 181 -46.79 -11.19 -23.82
C LEU B 181 -46.55 -12.29 -24.83
N GLY B 182 -45.46 -13.03 -24.62
CA GLY B 182 -45.19 -14.19 -25.46
C GLY B 182 -44.60 -15.36 -24.69
N VAL B 183 -44.95 -16.56 -25.11
CA VAL B 183 -44.33 -17.76 -24.60
C VAL B 183 -43.57 -18.39 -25.76
N HIS B 184 -42.34 -18.85 -25.54
CA HIS B 184 -41.54 -19.41 -26.63
C HIS B 184 -40.73 -20.62 -26.18
N LEU B 185 -40.51 -21.56 -27.07
CA LEU B 185 -39.66 -22.67 -26.71
C LEU B 185 -38.21 -22.34 -27.12
N LEU B 186 -37.27 -22.55 -26.21
CA LEU B 186 -35.87 -22.36 -26.54
C LEU B 186 -35.17 -23.70 -26.86
N GLU B 187 -34.50 -23.80 -28.01
CA GLU B 187 -33.79 -25.03 -28.34
C GLU B 187 -32.34 -24.99 -27.87
N GLU B 188 -31.67 -26.13 -27.85
CA GLU B 188 -30.22 -26.18 -27.49
C GLU B 188 -29.37 -25.43 -28.51
N GLY B 189 -28.45 -24.63 -28.00
CA GLY B 189 -27.60 -23.81 -28.85
C GLY B 189 -28.13 -22.41 -29.09
N ASP B 190 -29.35 -22.13 -28.64
CA ASP B 190 -29.97 -20.80 -28.73
C ASP B 190 -29.31 -19.70 -27.88
N TYR B 191 -29.39 -18.47 -28.38
CA TYR B 191 -29.05 -17.29 -27.62
C TYR B 191 -30.30 -16.45 -27.55
N LEU B 192 -30.80 -16.17 -26.34
CA LEU B 192 -31.83 -15.15 -26.18
C LEU B 192 -31.12 -13.79 -26.08
N VAL B 193 -31.54 -12.82 -26.88
CA VAL B 193 -30.93 -11.50 -26.86
C VAL B 193 -31.93 -10.42 -26.40
N VAL B 194 -31.77 -9.95 -25.16
CA VAL B 194 -32.65 -8.91 -24.68
C VAL B 194 -31.86 -7.61 -24.62
N ASN B 195 -32.34 -6.58 -25.30
CA ASN B 195 -31.61 -5.33 -25.33
C ASN B 195 -32.42 -4.04 -25.36
N SER B 196 -31.84 -2.96 -24.84
CA SER B 196 -32.41 -1.66 -25.10
C SER B 196 -31.98 -1.20 -26.47
N ASP B 197 -32.56 -0.10 -26.93
CA ASP B 197 -32.42 0.30 -28.31
C ASP B 197 -31.01 0.77 -28.67
N GLY B 198 -30.21 1.07 -27.66
CA GLY B 198 -28.82 1.49 -27.86
C GLY B 198 -27.95 0.47 -28.59
N LEU B 199 -28.34 -0.80 -28.51
CA LEU B 199 -27.65 -1.86 -29.24
C LEU B 199 -28.16 -1.95 -30.66
N THR B 200 -29.47 -2.17 -30.82
CA THR B 200 -30.02 -2.43 -32.14
C THR B 200 -30.14 -1.21 -33.06
N ASN B 201 -29.98 -0.01 -32.52
CA ASN B 201 -29.84 1.18 -33.36
C ASN B 201 -28.44 1.34 -33.92
N MET B 202 -27.43 0.82 -33.22
CA MET B 202 -26.07 0.87 -33.73
C MET B 202 -25.73 -0.38 -34.55
N LEU B 203 -26.37 -1.50 -34.22
CA LEU B 203 -26.02 -2.78 -34.74
C LEU B 203 -27.17 -3.48 -35.44
N SER B 204 -26.86 -4.05 -36.60
CA SER B 204 -27.83 -4.81 -37.36
C SER B 204 -27.95 -6.19 -36.76
N ASN B 205 -29.00 -6.90 -37.14
CA ASN B 205 -29.24 -8.26 -36.67
C ASN B 205 -28.13 -9.23 -37.09
N ALA B 206 -27.62 -9.06 -38.31
CA ALA B 206 -26.54 -9.86 -38.84
C ALA B 206 -25.24 -9.66 -38.04
N ASP B 207 -25.00 -8.43 -37.59
CA ASP B 207 -23.80 -8.17 -36.83
C ASP B 207 -23.85 -8.74 -35.40
N ILE B 208 -25.02 -8.65 -34.76
CA ILE B 208 -25.28 -9.25 -33.44
C ILE B 208 -25.06 -10.77 -33.50
N ALA B 209 -25.60 -11.37 -34.55
CA ALA B 209 -25.45 -12.80 -34.80
C ALA B 209 -23.99 -13.21 -34.96
N THR B 210 -23.22 -12.47 -35.76
CA THR B 210 -21.79 -12.73 -35.96
C THR B 210 -20.98 -12.75 -34.67
N VAL B 211 -21.24 -11.79 -33.78
CA VAL B 211 -20.59 -11.70 -32.48
C VAL B 211 -20.94 -12.94 -31.69
N LEU B 212 -22.20 -13.35 -31.71
CA LEU B 212 -22.61 -14.45 -30.84
C LEU B 212 -22.12 -15.80 -31.33
N THR B 213 -21.68 -15.81 -32.58
CA THR B 213 -21.32 -17.06 -33.24
C THR B 213 -19.83 -17.37 -33.05
N GLN B 214 -19.11 -16.43 -32.45
CA GLN B 214 -17.70 -16.57 -32.11
C GLN B 214 -17.45 -17.69 -31.09
N GLU B 215 -16.22 -18.16 -31.01
CA GLU B 215 -15.87 -19.17 -30.02
C GLU B 215 -15.32 -18.50 -28.76
N LYS B 216 -16.17 -17.79 -28.04
CA LYS B 216 -15.80 -17.10 -26.80
C LYS B 216 -16.79 -17.43 -25.71
N THR B 217 -16.53 -16.99 -24.49
CA THR B 217 -17.50 -17.11 -23.40
C THR B 217 -18.64 -16.11 -23.59
N LEU B 218 -19.75 -16.35 -22.90
CA LEU B 218 -20.91 -15.49 -23.01
C LEU B 218 -20.60 -14.05 -22.57
N ASP B 219 -19.77 -13.91 -21.54
CA ASP B 219 -19.43 -12.60 -21.01
C ASP B 219 -18.57 -11.79 -21.97
N ASP B 220 -17.63 -12.47 -22.65
CA ASP B 220 -16.77 -11.83 -23.66
C ASP B 220 -17.58 -11.39 -24.90
N LYS B 221 -18.57 -12.21 -25.29
CA LYS B 221 -19.49 -11.92 -26.38
C LYS B 221 -20.36 -10.71 -26.06
N ASN B 222 -20.76 -10.61 -24.80
CA ASN B 222 -21.54 -9.49 -24.33
C ASN B 222 -20.73 -8.19 -24.33
N GLN B 223 -19.45 -8.28 -24.02
CA GLN B 223 -18.60 -7.10 -24.10
C GLN B 223 -18.33 -6.74 -25.56
N ASP B 224 -18.12 -7.76 -26.41
CA ASP B 224 -17.86 -7.56 -27.84
C ASP B 224 -19.03 -6.84 -28.51
N LEU B 225 -20.24 -7.15 -28.04
CA LEU B 225 -21.47 -6.47 -28.47
C LEU B 225 -21.46 -4.97 -28.19
N ILE B 226 -21.02 -4.59 -27.00
CA ILE B 226 -21.19 -3.20 -26.67
C ILE B 226 -20.06 -2.39 -27.25
N THR B 227 -18.90 -3.04 -27.38
CA THR B 227 -17.72 -2.47 -28.02
C THR B 227 -18.03 -2.16 -29.48
N LEU B 228 -18.67 -3.12 -30.13
CA LEU B 228 -19.07 -2.93 -31.52
C LEU B 228 -20.09 -1.80 -31.63
N ALA B 229 -21.16 -1.84 -30.81
CA ALA B 229 -22.12 -0.72 -30.70
C ALA B 229 -21.47 0.67 -30.49
N ASN B 230 -20.47 0.73 -29.61
CA ASN B 230 -19.72 1.95 -29.36
C ASN B 230 -18.85 2.38 -30.51
N HIS B 231 -18.28 1.41 -31.24
CA HIS B 231 -17.48 1.70 -32.44
C HIS B 231 -18.38 2.28 -33.52
N ARG B 232 -19.60 1.75 -33.62
CA ARG B 232 -20.55 2.21 -34.63
C ARG B 232 -21.25 3.50 -34.27
N GLY B 233 -20.91 4.11 -33.14
CA GLY B 233 -21.50 5.41 -32.78
C GLY B 233 -21.73 5.61 -31.30
N GLY B 234 -22.40 4.65 -30.66
CA GLY B 234 -22.62 4.67 -29.22
C GLY B 234 -23.46 5.85 -28.78
N LEU B 235 -24.48 6.17 -29.59
CA LEU B 235 -25.30 7.35 -29.42
C LEU B 235 -26.23 7.28 -28.20
N ASP B 236 -26.37 6.10 -27.62
CA ASP B 236 -27.33 5.91 -26.57
C ASP B 236 -26.76 4.90 -25.60
N ASN B 237 -27.33 4.85 -24.40
CA ASN B 237 -27.02 3.80 -23.42
C ASN B 237 -27.32 2.44 -24.02
N ILE B 238 -26.40 1.50 -23.86
CA ILE B 238 -26.54 0.14 -24.39
C ILE B 238 -26.65 -0.84 -23.25
N THR B 239 -27.72 -1.62 -23.22
CA THR B 239 -27.88 -2.63 -22.20
C THR B 239 -28.33 -3.91 -22.86
N VAL B 240 -27.72 -5.04 -22.46
CA VAL B 240 -27.98 -6.35 -23.06
C VAL B 240 -28.05 -7.44 -21.99
N ALA B 241 -29.01 -8.34 -22.12
CA ALA B 241 -28.99 -9.63 -21.44
C ALA B 241 -28.89 -10.74 -22.48
N LEU B 242 -28.07 -11.74 -22.21
CA LEU B 242 -27.91 -12.90 -23.10
C LEU B 242 -28.14 -14.17 -22.31
N VAL B 243 -28.83 -15.13 -22.94
CA VAL B 243 -29.07 -16.44 -22.33
C VAL B 243 -28.61 -17.52 -23.32
N TYR B 244 -27.61 -18.31 -22.95
CA TYR B 244 -27.15 -19.42 -23.78
C TYR B 244 -27.75 -20.75 -23.27
N VAL B 245 -28.47 -21.45 -24.16
CA VAL B 245 -29.04 -22.78 -23.86
C VAL B 245 -28.07 -23.91 -24.26
N GLU B 246 -27.53 -24.61 -23.29
CA GLU B 246 -26.30 -25.40 -23.51
C GLU B 246 -26.50 -26.65 -24.34
N SER B 247 -25.85 -26.66 -25.51
CA SER B 247 -25.98 -27.70 -26.54
C SER B 247 -25.48 -29.08 -26.11
N TYR C 5 39.33 5.77 37.05
CA TYR C 5 38.77 6.82 36.14
C TYR C 5 37.39 6.42 35.61
N MET C 6 37.35 5.35 34.82
CA MET C 6 36.11 4.83 34.25
C MET C 6 35.75 3.46 34.83
N GLU C 7 34.74 3.41 35.69
CA GLU C 7 34.28 2.12 36.21
C GLU C 7 33.31 1.48 35.21
N ILE C 8 33.59 0.24 34.83
CA ILE C 8 32.82 -0.47 33.82
C ILE C 8 32.13 -1.71 34.39
N SER C 9 30.80 -1.76 34.30
CA SER C 9 30.03 -2.91 34.78
C SER C 9 29.37 -3.64 33.61
N LEU C 10 29.49 -4.97 33.57
CA LEU C 10 28.84 -5.74 32.51
C LEU C 10 27.93 -6.81 33.08
N LEU C 11 26.67 -6.87 32.65
CA LEU C 11 25.73 -7.90 33.13
C LEU C 11 24.71 -8.35 32.07
N THR C 12 24.43 -9.65 32.06
CA THR C 12 23.48 -10.26 31.11
C THR C 12 22.53 -11.24 31.83
N ASP C 13 21.28 -11.33 31.36
CA ASP C 13 20.27 -12.20 31.98
C ASP C 13 19.25 -12.71 30.98
N ILE C 14 18.88 -13.99 31.12
CA ILE C 14 18.00 -14.67 30.19
C ILE C 14 16.59 -14.10 30.20
N GLY C 15 16.18 -13.51 31.33
CA GLY C 15 14.89 -12.85 31.37
C GLY C 15 13.90 -13.86 31.90
N GLN C 16 12.61 -13.60 31.71
CA GLN C 16 11.62 -14.52 32.26
C GLN C 16 11.08 -15.51 31.24
N ARG C 17 11.19 -15.17 29.96
CA ARG C 17 10.41 -15.89 28.96
C ARG C 17 11.23 -16.66 27.92
N ARG C 18 12.41 -16.17 27.58
CA ARG C 18 13.17 -16.72 26.46
C ARG C 18 13.74 -18.10 26.77
N SER C 19 13.84 -18.93 25.73
CA SER C 19 14.35 -20.27 25.88
C SER C 19 15.86 -20.34 26.02
N ASN C 20 16.56 -19.32 25.53
CA ASN C 20 17.98 -19.16 25.84
C ASN C 20 18.36 -17.69 25.75
N ASN C 21 19.56 -17.36 26.21
CA ASN C 21 20.08 -16.01 26.09
C ASN C 21 20.78 -15.88 24.73
N GLN C 22 20.23 -15.05 23.85
CA GLN C 22 20.89 -14.73 22.59
C GLN C 22 21.62 -13.39 22.60
N ASP C 23 21.67 -12.71 23.74
CA ASP C 23 22.48 -11.51 23.82
C ASP C 23 23.94 -11.93 24.06
N PHE C 24 24.88 -11.02 23.80
CA PHE C 24 26.24 -11.21 24.26
C PHE C 24 26.88 -9.87 24.60
N ILE C 25 27.73 -9.84 25.62
CA ILE C 25 28.41 -8.60 25.98
C ILE C 25 29.81 -8.91 26.47
N ASN C 26 30.78 -8.07 26.09
CA ASN C 26 32.13 -8.15 26.63
C ASN C 26 32.90 -6.83 26.55
N GLN C 27 33.94 -6.68 27.37
CA GLN C 27 34.89 -5.57 27.26
C GLN C 27 36.30 -5.99 26.81
N PHE C 28 36.94 -5.14 26.01
CA PHE C 28 38.28 -5.40 25.49
C PHE C 28 39.14 -4.13 25.62
N GLU C 29 40.45 -4.25 25.36
CA GLU C 29 41.38 -3.11 25.45
C GLU C 29 42.52 -3.23 24.42
N ASN C 30 42.72 -2.20 23.61
CA ASN C 30 43.81 -2.27 22.62
C ASN C 30 45.21 -1.96 23.17
N LYS C 31 46.19 -1.88 22.27
CA LYS C 31 47.58 -1.72 22.70
C LYS C 31 47.96 -0.27 23.03
N ALA C 32 46.97 0.61 23.06
CA ALA C 32 47.19 1.99 23.45
C ALA C 32 46.44 2.27 24.74
N GLY C 33 45.85 1.23 25.31
CA GLY C 33 45.14 1.34 26.58
C GLY C 33 43.71 1.86 26.48
N VAL C 34 43.11 1.75 25.30
CA VAL C 34 41.76 2.27 25.04
C VAL C 34 40.70 1.15 25.07
N PRO C 35 39.77 1.24 26.03
CA PRO C 35 38.66 0.29 26.20
C PRO C 35 37.63 0.28 25.08
N LEU C 36 37.22 -0.94 24.68
CA LEU C 36 36.09 -1.16 23.75
C LEU C 36 35.04 -2.05 24.41
N ILE C 37 33.78 -1.59 24.43
CA ILE C 37 32.63 -2.39 24.90
C ILE C 37 31.72 -2.77 23.73
N ILE C 38 31.45 -4.06 23.53
CA ILE C 38 30.56 -4.49 22.47
C ILE C 38 29.38 -5.25 23.02
N LEU C 39 28.18 -4.71 22.84
CA LEU C 39 26.96 -5.39 23.21
C LEU C 39 26.25 -5.81 21.93
N ALA C 40 25.70 -7.03 21.91
CA ALA C 40 25.01 -7.53 20.73
C ALA C 40 23.75 -8.29 21.10
N ASP C 41 22.69 -8.11 20.31
CA ASP C 41 21.43 -8.80 20.55
C ASP C 41 21.19 -9.70 19.37
N GLY C 42 21.42 -11.00 19.55
CA GLY C 42 21.25 -11.99 18.50
C GLY C 42 19.81 -12.37 18.23
N MET C 43 19.56 -12.86 17.02
CA MET C 43 18.23 -13.27 16.61
C MET C 43 18.31 -14.50 15.71
N GLY C 44 17.21 -15.24 15.62
CA GLY C 44 17.15 -16.43 14.81
C GLY C 44 16.85 -17.61 15.72
N GLY C 45 17.01 -18.83 15.20
CA GLY C 45 16.87 -20.03 16.03
C GLY C 45 17.81 -20.03 17.23
N HIS C 46 17.49 -20.85 18.24
CA HIS C 46 18.20 -20.87 19.51
C HIS C 46 19.72 -20.84 19.40
N ARG C 47 20.27 -21.77 18.61
CA ARG C 47 21.71 -21.85 18.44
C ARG C 47 22.27 -20.71 17.59
N ALA C 48 21.56 -20.42 16.50
CA ALA C 48 21.97 -19.45 15.51
C ALA C 48 22.16 -18.06 16.10
N GLY C 49 21.15 -17.59 16.82
CA GLY C 49 21.15 -16.23 17.37
C GLY C 49 22.18 -16.05 18.45
N ASN C 50 22.37 -17.11 19.24
CA ASN C 50 23.44 -17.16 20.22
C ASN C 50 24.81 -17.03 19.57
N ILE C 51 25.01 -17.73 18.45
CA ILE C 51 26.30 -17.74 17.75
C ILE C 51 26.62 -16.39 17.11
N ALA C 52 25.62 -15.80 16.44
CA ALA C 52 25.79 -14.53 15.77
C ALA C 52 26.20 -13.43 16.74
N SER C 53 25.68 -13.44 17.95
CA SER C 53 25.97 -12.37 18.85
C SER C 53 27.31 -12.61 19.51
N GLU C 54 27.62 -13.86 19.84
CA GLU C 54 28.90 -14.18 20.46
C GLU C 54 30.08 -14.09 19.48
N MET C 55 29.91 -14.65 18.29
CA MET C 55 30.96 -14.61 17.29
C MET C 55 31.32 -13.17 16.96
N THR C 56 30.30 -12.33 16.75
CA THR C 56 30.48 -10.91 16.43
C THR C 56 31.26 -10.16 17.50
N VAL C 57 30.89 -10.37 18.77
CA VAL C 57 31.56 -9.73 19.89
C VAL C 57 33.00 -10.21 20.08
N THR C 58 33.24 -11.52 20.01
CA THR C 58 34.63 -12.01 20.16
C THR C 58 35.54 -11.70 18.96
N ASP C 59 35.00 -11.71 17.75
CA ASP C 59 35.82 -11.49 16.56
C ASP C 59 36.18 -10.03 16.36
N LEU C 60 35.39 -9.13 16.94
CA LEU C 60 35.71 -7.72 16.85
C LEU C 60 36.58 -7.36 18.00
N GLY C 61 36.32 -8.00 19.13
CA GLY C 61 37.15 -7.81 20.29
C GLY C 61 38.56 -8.36 20.22
N SER C 62 38.74 -9.48 19.52
CA SER C 62 40.06 -10.07 19.40
C SER C 62 40.88 -9.26 18.43
N ASP C 63 40.20 -8.74 17.43
CA ASP C 63 40.81 -7.90 16.41
C ASP C 63 41.14 -6.54 17.01
N TRP C 64 40.27 -6.03 17.88
CA TRP C 64 40.49 -4.74 18.54
C TRP C 64 41.77 -4.69 19.35
N ALA C 65 42.02 -5.75 20.11
CA ALA C 65 43.16 -5.80 21.03
C ALA C 65 44.50 -5.80 20.33
N GLU C 66 44.49 -6.06 19.03
CA GLU C 66 45.68 -6.01 18.22
C GLU C 66 45.81 -4.71 17.42
N THR C 67 45.03 -3.69 17.81
CA THR C 67 45.20 -2.38 17.23
C THR C 67 45.94 -1.44 18.17
N ASP C 68 46.46 -0.34 17.62
CA ASP C 68 47.20 0.64 18.41
C ASP C 68 46.64 2.06 18.30
N PHE C 69 45.42 2.18 17.77
CA PHE C 69 44.81 3.49 17.45
C PHE C 69 44.49 4.27 18.72
N SER C 70 44.42 5.59 18.61
CA SER C 70 44.02 6.41 19.76
C SER C 70 43.19 7.61 19.30
N GLU C 71 43.10 7.78 18.00
CA GLU C 71 42.46 8.96 17.44
C GLU C 71 41.02 8.66 17.11
N LEU C 72 40.12 9.60 17.39
CA LEU C 72 38.69 9.48 17.04
C LEU C 72 38.42 9.19 15.57
N SER C 73 39.19 9.79 14.67
CA SER C 73 39.04 9.56 13.23
C SER C 73 39.31 8.11 12.81
N GLU C 74 40.41 7.52 13.28
CA GLU C 74 40.77 6.16 12.86
C GLU C 74 40.04 5.03 13.60
N ILE C 75 39.51 5.32 14.79
CA ILE C 75 38.68 4.35 15.52
C ILE C 75 37.36 4.18 14.76
N ARG C 76 36.84 5.33 14.32
CA ARG C 76 35.64 5.44 13.49
C ARG C 76 35.76 4.64 12.19
N ASP C 77 36.94 4.69 11.58
CA ASP C 77 37.21 3.94 10.37
C ASP C 77 37.16 2.46 10.64
N TRP C 78 37.87 2.04 11.69
CA TRP C 78 37.92 0.66 12.13
C TRP C 78 36.54 0.06 12.38
N MET C 79 35.70 0.76 13.14
CA MET C 79 34.32 0.31 13.41
C MET C 79 33.54 0.10 12.12
N LEU C 80 33.70 1.02 11.18
CA LEU C 80 32.98 0.96 9.91
C LEU C 80 33.37 -0.23 9.02
N VAL C 81 34.66 -0.55 8.93
CA VAL C 81 35.03 -1.69 8.09
C VAL C 81 34.87 -3.02 8.83
N SER C 82 34.96 -3.00 10.15
CA SER C 82 34.79 -4.21 10.94
C SER C 82 33.36 -4.68 10.91
N ILE C 83 32.43 -3.75 11.13
CA ILE C 83 30.99 -4.03 11.09
C ILE C 83 30.59 -4.58 9.73
N GLU C 84 31.11 -4.01 8.65
CA GLU C 84 30.73 -4.48 7.32
C GLU C 84 31.30 -5.85 6.94
N THR C 85 32.54 -6.13 7.32
CA THR C 85 33.11 -7.44 7.03
C THR C 85 32.49 -8.51 7.94
N GLU C 86 32.10 -8.11 9.14
CA GLU C 86 31.31 -8.98 10.00
C GLU C 86 29.89 -9.18 9.48
N ASN C 87 29.34 -8.15 8.83
CA ASN C 87 28.05 -8.29 8.16
C ASN C 87 28.07 -9.30 7.03
N ARG C 88 29.13 -9.27 6.23
CA ARG C 88 29.29 -10.20 5.11
C ARG C 88 29.60 -11.60 5.59
N LYS C 89 30.25 -11.71 6.76
CA LYS C 89 30.55 -13.01 7.35
C LYS C 89 29.28 -13.72 7.87
N ILE C 90 28.47 -12.99 8.64
CA ILE C 90 27.23 -13.52 9.24
C ILE C 90 26.18 -13.85 8.18
N TYR C 91 26.06 -13.01 7.15
CA TYR C 91 25.10 -13.25 6.07
C TYR C 91 25.38 -14.53 5.30
N GLU C 92 26.66 -14.82 5.06
CA GLU C 92 27.08 -16.03 4.36
C GLU C 92 26.69 -17.29 5.10
N LEU C 93 26.97 -17.30 6.40
CA LEU C 93 26.58 -18.37 7.31
C LEU C 93 25.07 -18.53 7.43
N GLY C 94 24.35 -17.41 7.31
CA GLY C 94 22.88 -17.41 7.36
C GLY C 94 22.24 -17.99 6.12
N GLN C 95 23.04 -18.24 5.09
CA GLN C 95 22.60 -18.87 3.85
C GLN C 95 22.88 -20.37 3.87
N SER C 96 23.59 -20.86 4.89
CA SER C 96 23.64 -22.29 5.18
C SER C 96 22.30 -22.69 5.77
N ASP C 97 21.92 -23.96 5.59
CA ASP C 97 20.60 -24.43 6.06
C ASP C 97 20.50 -24.58 7.57
N ASP C 98 21.65 -24.70 8.23
CA ASP C 98 21.71 -24.87 9.69
C ASP C 98 21.50 -23.55 10.47
N TYR C 99 21.52 -22.42 9.78
CA TYR C 99 21.50 -21.13 10.47
C TYR C 99 20.54 -20.15 9.85
N LYS C 100 19.35 -20.60 9.45
CA LYS C 100 18.39 -19.72 8.79
C LYS C 100 17.85 -18.64 9.74
N GLY C 101 17.89 -17.40 9.26
CA GLY C 101 17.40 -16.25 10.01
C GLY C 101 18.35 -15.73 11.07
N MET C 102 19.61 -16.13 10.97
CA MET C 102 20.65 -15.65 11.85
C MET C 102 20.91 -14.14 11.65
N GLY C 103 21.25 -13.44 12.73
CA GLY C 103 21.55 -12.03 12.66
C GLY C 103 21.75 -11.47 14.05
N THR C 104 22.32 -10.27 14.12
CA THR C 104 22.52 -9.59 15.41
C THR C 104 22.55 -8.07 15.29
N THR C 105 22.18 -7.39 16.37
CA THR C 105 22.43 -5.97 16.47
C THR C 105 23.86 -5.80 16.98
N ILE C 106 24.37 -4.57 16.96
CA ILE C 106 25.66 -4.27 17.58
C ILE C 106 25.66 -2.87 18.18
N GLU C 107 26.40 -2.76 19.27
CA GLU C 107 26.56 -1.51 19.96
C GLU C 107 28.00 -1.50 20.44
N ALA C 108 28.87 -0.78 19.71
CA ALA C 108 30.30 -0.75 19.99
C ALA C 108 30.74 0.60 20.55
N VAL C 109 31.15 0.66 21.81
CA VAL C 109 31.49 1.92 22.46
C VAL C 109 32.95 1.98 22.90
N ALA C 110 33.70 2.96 22.40
CA ALA C 110 35.09 3.10 22.83
C ALA C 110 35.27 4.33 23.72
N ILE C 111 36.09 4.22 24.76
CA ILE C 111 36.37 5.38 25.61
C ILE C 111 37.80 5.90 25.40
N VAL C 112 37.89 7.15 24.94
CA VAL C 112 39.18 7.79 24.68
C VAL C 112 39.14 9.23 25.20
N GLY C 113 39.87 9.46 26.28
CA GLY C 113 39.85 10.75 26.95
C GLY C 113 38.57 10.94 27.75
N ASP C 114 37.85 12.00 27.45
CA ASP C 114 36.58 12.29 28.12
C ASP C 114 35.50 12.06 27.09
N ASN C 115 35.90 11.38 26.03
CA ASN C 115 35.02 11.17 24.90
C ASN C 115 34.78 9.70 24.61
N ILE C 116 33.53 9.40 24.31
CA ILE C 116 33.18 8.10 23.78
C ILE C 116 32.90 8.24 22.29
N ILE C 117 33.12 7.16 21.57
CA ILE C 117 32.72 7.12 20.20
C ILE C 117 32.01 5.77 19.99
N PHE C 118 30.84 5.85 19.36
CA PHE C 118 30.03 4.67 19.24
C PHE C 118 29.55 4.42 17.84
N ALA C 119 29.36 3.14 17.54
CA ALA C 119 28.71 2.74 16.32
C ALA C 119 27.51 1.91 16.73
N HIS C 120 26.35 2.28 16.18
CA HIS C 120 25.05 1.75 16.58
C HIS C 120 24.33 1.12 15.39
N VAL C 121 23.93 -0.14 15.52
CA VAL C 121 23.16 -0.84 14.47
C VAL C 121 22.04 -1.60 15.14
N GLY C 122 20.80 -1.26 14.82
CA GLY C 122 19.67 -2.04 15.32
C GLY C 122 18.83 -1.33 16.36
N ASP C 123 18.25 -2.08 17.28
CA ASP C 123 17.33 -1.49 18.25
C ASP C 123 17.85 -1.49 19.68
N SER C 124 19.14 -1.72 19.87
CA SER C 124 19.75 -1.53 21.19
C SER C 124 19.96 -0.02 21.42
N ARG C 125 20.38 0.35 22.62
CA ARG C 125 20.39 1.76 23.00
C ARG C 125 21.65 2.21 23.75
N ILE C 126 21.98 3.49 23.58
CA ILE C 126 23.03 4.16 24.35
C ILE C 126 22.43 5.42 24.99
N GLY C 127 22.77 5.67 26.26
CA GLY C 127 22.26 6.83 26.99
C GLY C 127 23.14 7.32 28.13
N ILE C 128 22.90 8.54 28.57
CA ILE C 128 23.72 9.19 29.58
C ILE C 128 22.84 9.58 30.73
N VAL C 129 23.25 9.29 31.95
CA VAL C 129 22.55 9.79 33.12
C VAL C 129 23.35 10.90 33.82
N ARG C 130 22.86 12.12 33.64
CA ARG C 130 23.50 13.32 34.09
C ARG C 130 22.42 14.00 34.91
N GLN C 131 22.80 14.55 36.07
CA GLN C 131 21.87 14.91 37.15
C GLN C 131 21.06 13.67 37.46
N GLY C 132 19.74 13.82 37.53
CA GLY C 132 18.86 12.66 37.69
C GLY C 132 18.10 12.38 36.42
N GLU C 133 18.76 12.55 35.26
CA GLU C 133 18.08 12.64 33.98
C GLU C 133 18.75 11.82 32.87
N TYR C 134 17.96 10.97 32.20
CA TYR C 134 18.44 10.14 31.09
C TYR C 134 18.31 10.86 29.74
N HIS C 135 19.36 10.81 28.95
CA HIS C 135 19.39 11.44 27.63
C HIS C 135 19.72 10.39 26.58
N LEU C 136 18.76 10.09 25.71
CA LEU C 136 18.91 9.01 24.74
C LEU C 136 19.77 9.45 23.56
N LEU C 137 20.84 8.72 23.25
CA LEU C 137 21.72 9.16 22.17
C LEU C 137 21.54 8.46 20.82
N THR C 138 20.70 7.44 20.79
CA THR C 138 20.53 6.65 19.58
C THR C 138 19.09 6.65 19.06
N SER C 139 18.94 6.33 17.78
CA SER C 139 17.62 6.18 17.20
C SER C 139 17.42 4.72 16.83
N ASP C 140 16.35 4.12 17.35
CA ASP C 140 16.05 2.72 17.05
C ASP C 140 15.95 2.55 15.54
N HIS C 141 16.66 1.57 15.02
CA HIS C 141 16.52 1.24 13.61
C HIS C 141 15.35 0.29 13.39
N SER C 142 14.16 0.74 13.75
CA SER C 142 13.00 -0.10 13.65
C SER C 142 12.01 0.51 12.69
N LEU C 143 11.11 -0.33 12.18
CA LEU C 143 10.11 0.04 11.19
C LEU C 143 9.16 1.08 11.73
N VAL C 144 8.74 0.91 12.97
CA VAL C 144 7.82 1.87 13.55
C VAL C 144 8.50 3.15 14.04
N ASN C 145 9.82 3.13 14.22
CA ASN C 145 10.50 4.39 14.56
C ASN C 145 10.63 5.26 13.33
N GLU C 146 10.83 4.61 12.20
CA GLU C 146 10.85 5.29 10.93
C GLU C 146 9.48 5.80 10.56
N LEU C 147 8.43 5.14 11.04
CA LEU C 147 7.08 5.66 10.78
C LEU C 147 6.77 6.83 11.69
N VAL C 148 7.41 6.86 12.86
CA VAL C 148 7.29 8.00 13.74
C VAL C 148 8.06 9.19 13.18
N LYS C 149 9.26 8.94 12.66
CA LYS C 149 10.04 10.00 12.02
C LYS C 149 9.46 10.46 10.67
N ALA C 150 8.67 9.62 10.02
CA ALA C 150 7.99 10.04 8.81
C ALA C 150 6.67 10.79 9.11
N GLY C 151 6.35 10.95 10.39
CA GLY C 151 5.14 11.67 10.82
C GLY C 151 3.87 10.91 10.50
N GLN C 152 3.95 9.58 10.57
CA GLN C 152 2.90 8.68 10.11
C GLN C 152 2.29 7.96 11.31
N LEU C 153 3.11 7.65 12.31
CA LEU C 153 2.63 7.13 13.60
C LEU C 153 2.96 8.09 14.75
N THR C 154 2.10 8.13 15.76
CA THR C 154 2.52 8.78 17.00
C THR C 154 3.23 7.71 17.83
N GLU C 155 3.93 8.11 18.89
CA GLU C 155 4.68 7.15 19.73
C GLU C 155 3.78 6.10 20.39
N GLU C 156 2.57 6.52 20.75
CA GLU C 156 1.57 5.62 21.31
C GLU C 156 1.14 4.56 20.29
N GLU C 157 0.92 4.99 19.04
CA GLU C 157 0.42 4.10 17.98
C GLU C 157 1.49 3.10 17.56
N ALA C 158 2.76 3.53 17.63
CA ALA C 158 3.90 2.71 17.30
C ALA C 158 4.15 1.63 18.35
N ALA C 159 3.85 1.94 19.61
CA ALA C 159 4.04 0.99 20.69
C ALA C 159 3.02 -0.16 20.66
N SER C 160 1.96 -0.03 19.86
CA SER C 160 0.95 -1.09 19.72
C SER C 160 0.80 -1.70 18.31
N HIS C 161 1.70 -1.34 17.40
CA HIS C 161 1.66 -1.78 16.00
C HIS C 161 1.99 -3.26 15.93
N PRO C 162 1.30 -4.01 15.06
CA PRO C 162 1.61 -5.43 14.84
C PRO C 162 3.07 -5.71 14.50
N GLN C 163 3.69 -4.84 13.71
CA GLN C 163 5.09 -4.99 13.37
C GLN C 163 6.06 -4.14 14.21
N LYS C 164 5.70 -3.85 15.47
CA LYS C 164 6.53 -3.02 16.36
C LYS C 164 7.88 -3.61 16.75
N ASN C 165 8.12 -4.89 16.47
CA ASN C 165 9.38 -5.51 16.86
C ASN C 165 10.37 -5.54 15.72
N ILE C 166 9.89 -5.25 14.51
CA ILE C 166 10.68 -5.38 13.29
C ILE C 166 11.77 -4.33 13.19
N ILE C 167 13.02 -4.78 13.09
CA ILE C 167 14.11 -3.83 12.90
C ILE C 167 14.54 -3.75 11.44
N THR C 168 15.23 -2.67 11.07
CA THR C 168 15.51 -2.39 9.67
C THR C 168 16.99 -2.51 9.31
N GLN C 169 17.81 -2.75 10.32
CA GLN C 169 19.27 -2.87 10.19
C GLN C 169 19.76 -3.94 11.16
N SER C 170 20.65 -4.82 10.70
CA SER C 170 21.33 -5.78 11.57
C SER C 170 22.54 -6.36 10.89
N ILE C 171 23.45 -6.93 11.66
CA ILE C 171 24.59 -7.62 11.09
C ILE C 171 24.12 -8.99 10.63
N GLY C 172 24.17 -9.21 9.31
CA GLY C 172 23.73 -10.44 8.67
C GLY C 172 22.79 -10.24 7.48
N GLN C 173 22.87 -9.08 6.83
CA GLN C 173 21.96 -8.70 5.73
C GLN C 173 22.57 -8.88 4.35
N ALA C 174 21.72 -8.84 3.33
CA ALA C 174 22.17 -8.86 1.94
C ALA C 174 22.82 -7.54 1.58
N ASN C 175 22.08 -6.48 1.84
CA ASN C 175 22.56 -5.12 1.66
C ASN C 175 23.61 -4.75 2.71
N PRO C 176 24.58 -3.88 2.32
CA PRO C 176 25.49 -3.31 3.33
C PRO C 176 24.76 -2.51 4.42
N VAL C 177 25.35 -2.56 5.60
CA VAL C 177 24.80 -2.01 6.80
C VAL C 177 25.15 -0.52 6.87
N GLU C 178 24.20 0.27 7.37
CA GLU C 178 24.41 1.69 7.61
C GLU C 178 24.28 2.01 9.10
N PRO C 179 25.40 1.90 9.84
CA PRO C 179 25.42 2.21 11.26
C PRO C 179 25.30 3.70 11.49
N ASP C 180 24.96 4.10 12.71
CA ASP C 180 25.00 5.48 13.09
C ASP C 180 26.25 5.71 13.93
N LEU C 181 27.13 6.63 13.51
CA LEU C 181 28.26 6.96 14.35
C LEU C 181 28.08 8.26 15.11
N GLY C 182 28.47 8.24 16.37
CA GLY C 182 28.31 9.40 17.23
C GLY C 182 29.49 9.57 18.15
N VAL C 183 29.69 10.81 18.60
CA VAL C 183 30.69 11.11 19.61
C VAL C 183 29.98 11.89 20.72
N HIS C 184 30.27 11.60 21.99
CA HIS C 184 29.67 12.35 23.09
C HIS C 184 30.64 12.58 24.26
N LEU C 185 30.49 13.74 24.91
CA LEU C 185 31.36 14.13 26.01
C LEU C 185 30.89 13.58 27.34
N LEU C 186 31.81 13.00 28.11
CA LEU C 186 31.49 12.57 29.46
C LEU C 186 31.88 13.65 30.48
N GLU C 187 30.98 13.93 31.42
CA GLU C 187 31.30 14.78 32.56
C GLU C 187 31.41 13.88 33.78
N GLU C 188 32.02 14.35 34.86
CA GLU C 188 32.11 13.56 36.11
C GLU C 188 30.73 13.32 36.72
N GLY C 189 30.51 12.10 37.19
CA GLY C 189 29.21 11.74 37.76
C GLY C 189 28.25 11.18 36.71
N ASP C 190 28.72 11.05 35.47
CA ASP C 190 27.88 10.49 34.42
C ASP C 190 27.78 8.98 34.52
N TYR C 191 26.62 8.45 34.14
CA TYR C 191 26.49 7.04 33.91
C TYR C 191 26.21 6.86 32.45
N LEU C 192 27.11 6.20 31.74
CA LEU C 192 26.77 5.75 30.41
C LEU C 192 25.97 4.47 30.55
N VAL C 193 24.83 4.40 29.88
CA VAL C 193 24.02 3.19 29.89
C VAL C 193 23.92 2.61 28.48
N VAL C 194 24.59 1.50 28.22
CA VAL C 194 24.46 0.81 26.95
C VAL C 194 23.65 -0.47 27.21
N ASN C 195 22.57 -0.69 26.46
CA ASN C 195 21.67 -1.83 26.73
C ASN C 195 20.95 -2.45 25.53
N SER C 196 20.69 -3.76 25.59
CA SER C 196 19.82 -4.38 24.58
C SER C 196 18.38 -4.01 24.91
N ASP C 197 17.49 -4.22 23.93
CA ASP C 197 16.12 -3.72 24.00
C ASP C 197 15.28 -4.32 25.11
N GLY C 198 15.79 -5.40 25.70
CA GLY C 198 15.11 -6.09 26.77
C GLY C 198 15.05 -5.34 28.07
N LEU C 199 15.91 -4.34 28.25
CA LEU C 199 15.90 -3.51 29.46
C LEU C 199 14.90 -2.38 29.31
N THR C 200 14.99 -1.67 28.18
CA THR C 200 14.16 -0.50 27.97
C THR C 200 12.75 -0.80 27.47
N ASN C 201 12.45 -2.06 27.17
CA ASN C 201 11.06 -2.42 26.87
C ASN C 201 10.34 -2.64 28.19
N MET C 202 11.09 -2.97 29.23
CA MET C 202 10.52 -3.16 30.56
C MET C 202 10.60 -1.91 31.44
N LEU C 203 11.71 -1.18 31.34
CA LEU C 203 11.97 -0.01 32.17
C LEU C 203 11.80 1.30 31.41
N SER C 204 11.22 2.29 32.09
CA SER C 204 11.14 3.64 31.54
C SER C 204 12.51 4.33 31.68
N ASN C 205 12.69 5.44 30.97
CA ASN C 205 13.95 6.18 31.05
C ASN C 205 14.15 6.72 32.48
N ALA C 206 13.09 7.31 33.05
CA ALA C 206 13.02 7.71 34.46
C ALA C 206 13.30 6.60 35.46
N ASP C 207 12.87 5.37 35.15
CA ASP C 207 13.16 4.20 35.99
C ASP C 207 14.66 3.93 36.10
N ILE C 208 15.34 3.77 34.96
CA ILE C 208 16.79 3.59 34.90
C ILE C 208 17.54 4.67 35.70
N ALA C 209 17.11 5.92 35.55
CA ALA C 209 17.68 7.07 36.26
C ALA C 209 17.60 6.90 37.76
N THR C 210 16.41 6.60 38.28
CA THR C 210 16.20 6.36 39.71
C THR C 210 17.19 5.34 40.27
N VAL C 211 17.27 4.18 39.62
CA VAL C 211 18.19 3.10 39.98
C VAL C 211 19.67 3.56 40.08
N LEU C 212 20.08 4.42 39.16
CA LEU C 212 21.48 4.87 39.13
C LEU C 212 21.85 5.93 40.17
N THR C 213 20.85 6.68 40.66
CA THR C 213 21.11 7.70 41.68
C THR C 213 21.13 7.17 43.11
N GLN C 214 21.03 5.85 43.27
CA GLN C 214 21.05 5.23 44.59
C GLN C 214 22.44 5.28 45.23
N GLU C 215 22.50 5.01 46.53
CA GLU C 215 23.80 4.92 47.23
C GLU C 215 24.27 3.47 47.44
N LYS C 216 24.91 2.91 46.39
CA LYS C 216 25.57 1.58 46.37
C LYS C 216 26.50 1.43 45.15
N THR C 217 27.18 0.29 45.05
CA THR C 217 28.21 0.07 44.00
C THR C 217 27.61 -0.04 42.61
N LEU C 218 28.46 0.16 41.59
CA LEU C 218 28.00 0.13 40.21
C LEU C 218 27.47 -1.26 39.83
N ASP C 219 28.19 -2.32 40.19
CA ASP C 219 27.79 -3.70 39.90
C ASP C 219 26.41 -4.05 40.48
N ASP C 220 26.11 -3.60 41.68
CA ASP C 220 24.80 -3.82 42.33
C ASP C 220 23.68 -2.97 41.72
N LYS C 221 24.04 -1.90 41.02
CA LYS C 221 23.06 -1.09 40.33
C LYS C 221 22.70 -1.81 39.07
N ASN C 222 23.70 -2.40 38.43
CA ASN C 222 23.45 -3.17 37.23
C ASN C 222 22.51 -4.34 37.55
N GLN C 223 22.76 -5.01 38.68
CA GLN C 223 21.88 -6.09 39.17
C GLN C 223 20.49 -5.60 39.51
N ASP C 224 20.36 -4.38 40.00
CA ASP C 224 19.06 -3.78 40.28
C ASP C 224 18.31 -3.40 39.03
N LEU C 225 19.04 -3.20 37.93
CA LEU C 225 18.38 -2.83 36.68
C LEU C 225 17.72 -4.05 36.08
N ILE C 226 18.42 -5.17 36.13
CA ILE C 226 17.86 -6.41 35.56
C ILE C 226 16.84 -7.10 36.48
N THR C 227 16.92 -6.90 37.80
CA THR C 227 15.91 -7.41 38.73
C THR C 227 14.55 -6.72 38.52
N LEU C 228 14.57 -5.40 38.34
CA LEU C 228 13.32 -4.67 38.08
C LEU C 228 12.77 -5.04 36.71
N ALA C 229 13.66 -5.17 35.72
CA ALA C 229 13.30 -5.62 34.37
C ALA C 229 12.58 -6.96 34.41
N ASN C 230 13.08 -7.85 35.26
CA ASN C 230 12.46 -9.15 35.47
C ASN C 230 11.14 -9.08 36.22
N HIS C 231 11.09 -8.22 37.24
CA HIS C 231 9.87 -8.00 38.00
C HIS C 231 8.79 -7.39 37.11
N ARG C 232 9.21 -6.62 36.12
CA ARG C 232 8.29 -5.98 35.17
C ARG C 232 7.71 -6.98 34.21
N GLY C 233 8.34 -8.15 34.13
CA GLY C 233 7.85 -9.19 33.24
C GLY C 233 8.93 -9.96 32.51
N GLY C 234 10.04 -9.26 32.21
CA GLY C 234 11.23 -9.85 31.60
C GLY C 234 10.96 -10.61 30.32
N LEU C 235 10.27 -9.96 29.40
CA LEU C 235 9.76 -10.59 28.18
C LEU C 235 10.88 -11.05 27.22
N ASP C 236 12.10 -10.56 27.47
CA ASP C 236 13.22 -10.73 26.54
C ASP C 236 14.53 -10.81 27.34
N ASN C 237 15.61 -11.20 26.67
CA ASN C 237 16.96 -11.18 27.22
C ASN C 237 17.32 -9.75 27.58
N ILE C 238 18.00 -9.57 28.72
CA ILE C 238 18.34 -8.26 29.27
C ILE C 238 19.84 -8.11 29.39
N THR C 239 20.43 -7.13 28.71
CA THR C 239 21.87 -7.00 28.74
C THR C 239 22.32 -5.56 28.78
N VAL C 240 23.15 -5.23 29.78
CA VAL C 240 23.50 -3.84 30.08
C VAL C 240 24.98 -3.67 30.44
N ALA C 241 25.62 -2.72 29.76
CA ALA C 241 26.91 -2.18 30.18
C ALA C 241 26.67 -0.85 30.86
N LEU C 242 27.24 -0.68 32.06
CA LEU C 242 27.24 0.61 32.71
C LEU C 242 28.65 1.18 32.72
N VAL C 243 28.78 2.49 32.49
CA VAL C 243 30.07 3.17 32.65
C VAL C 243 29.91 4.42 33.54
N TYR C 244 30.52 4.39 34.72
CA TYR C 244 30.47 5.51 35.63
C TYR C 244 31.78 6.28 35.58
N VAL C 245 31.69 7.61 35.62
CA VAL C 245 32.85 8.50 35.46
C VAL C 245 33.31 9.18 36.76
N GLU C 246 34.54 8.88 37.18
CA GLU C 246 35.21 9.67 38.21
C GLU C 246 36.71 9.69 37.99
N TYR D 5 -3.50 17.79 -4.32
CA TYR D 5 -2.60 18.47 -5.31
C TYR D 5 -1.55 19.33 -4.63
N MET D 6 -0.37 19.40 -5.23
CA MET D 6 0.78 20.13 -4.67
C MET D 6 1.06 21.44 -5.41
N GLU D 7 0.77 22.56 -4.75
CA GLU D 7 1.19 23.89 -5.24
C GLU D 7 2.65 24.20 -4.86
N ILE D 8 3.44 24.62 -5.86
CA ILE D 8 4.88 24.84 -5.65
C ILE D 8 5.27 26.29 -5.90
N SER D 9 5.96 26.91 -4.95
CA SER D 9 6.52 28.25 -5.13
C SER D 9 8.03 28.28 -4.91
N LEU D 10 8.76 28.85 -5.86
CA LEU D 10 10.22 29.01 -5.72
C LEU D 10 10.59 30.50 -5.74
N LEU D 11 11.51 30.89 -4.85
CA LEU D 11 12.08 32.24 -4.86
C LEU D 11 13.55 32.20 -4.51
N THR D 12 14.32 33.13 -5.08
CA THR D 12 15.71 33.35 -4.72
C THR D 12 15.98 34.85 -4.55
N ASP D 13 16.93 35.21 -3.69
CA ASP D 13 17.31 36.61 -3.49
C ASP D 13 18.78 36.71 -3.11
N ILE D 14 19.46 37.73 -3.65
CA ILE D 14 20.87 37.97 -3.35
C ILE D 14 21.06 38.40 -1.86
N GLY D 15 20.01 38.98 -1.28
CA GLY D 15 20.11 39.49 0.08
C GLY D 15 20.70 40.88 0.08
N GLN D 16 21.10 41.34 1.25
CA GLN D 16 21.59 42.70 1.40
C GLN D 16 23.12 42.88 1.34
N ARG D 17 23.89 41.82 1.56
CA ARG D 17 25.33 42.03 1.77
C ARG D 17 26.21 41.42 0.70
N ARG D 18 25.90 40.19 0.30
CA ARG D 18 26.74 39.40 -0.61
C ARG D 18 26.95 40.05 -1.97
N SER D 19 27.99 39.64 -2.68
CA SER D 19 28.36 40.31 -3.92
C SER D 19 27.66 39.75 -5.14
N ASN D 20 27.29 38.48 -5.06
CA ASN D 20 26.44 37.85 -6.06
C ASN D 20 25.60 36.73 -5.44
N ASN D 21 24.64 36.21 -6.19
CA ASN D 21 23.85 35.10 -5.73
C ASN D 21 24.55 33.79 -6.09
N GLN D 22 25.04 33.08 -5.06
CA GLN D 22 25.63 31.78 -5.31
C GLN D 22 24.65 30.66 -5.00
N ASP D 23 23.40 31.01 -4.70
CA ASP D 23 22.37 30.00 -4.57
C ASP D 23 21.82 29.68 -5.94
N PHE D 24 21.25 28.50 -6.07
CA PHE D 24 20.43 28.19 -7.23
C PHE D 24 19.22 27.32 -6.80
N ILE D 25 18.09 27.50 -7.48
CA ILE D 25 16.89 26.71 -7.22
C ILE D 25 16.09 26.53 -8.49
N ASN D 26 15.60 25.31 -8.71
CA ASN D 26 14.68 25.03 -9.82
C ASN D 26 13.73 23.87 -9.48
N GLN D 27 12.75 23.62 -10.32
CA GLN D 27 11.92 22.42 -10.20
C GLN D 27 11.92 21.65 -11.51
N PHE D 28 11.73 20.33 -11.42
CA PHE D 28 11.79 19.46 -12.58
C PHE D 28 10.66 18.45 -12.52
N GLU D 29 10.47 17.67 -13.59
CA GLU D 29 9.43 16.64 -13.66
C GLU D 29 9.90 15.46 -14.54
N ASN D 30 9.77 14.24 -14.05
CA ASN D 30 10.23 13.08 -14.82
C ASN D 30 9.16 12.54 -15.80
N LYS D 31 9.48 11.45 -16.50
CA LYS D 31 8.53 10.83 -17.44
C LYS D 31 7.37 10.15 -16.73
N ALA D 32 7.59 9.76 -15.48
CA ALA D 32 6.52 9.27 -14.63
C ALA D 32 5.69 10.40 -14.02
N GLY D 33 6.05 11.65 -14.32
CA GLY D 33 5.27 12.79 -13.85
C GLY D 33 5.52 13.23 -12.40
N VAL D 34 6.56 12.67 -11.80
CA VAL D 34 6.95 12.95 -10.41
C VAL D 34 7.92 14.14 -10.36
N PRO D 35 7.50 15.20 -9.67
CA PRO D 35 8.26 16.44 -9.49
C PRO D 35 9.49 16.28 -8.58
N LEU D 36 10.50 17.12 -8.82
CA LEU D 36 11.75 17.15 -8.06
C LEU D 36 12.13 18.59 -7.85
N ILE D 37 12.36 18.96 -6.60
CA ILE D 37 12.81 20.30 -6.27
C ILE D 37 14.26 20.20 -5.83
N ILE D 38 15.13 20.97 -6.49
CA ILE D 38 16.55 21.00 -6.12
C ILE D 38 16.98 22.40 -5.66
N LEU D 39 17.51 22.49 -4.45
CA LEU D 39 18.04 23.75 -3.92
C LEU D 39 19.50 23.50 -3.63
N ALA D 40 20.33 24.52 -3.84
CA ALA D 40 21.78 24.38 -3.63
C ALA D 40 22.45 25.71 -3.27
N ASP D 41 23.29 25.68 -2.24
CA ASP D 41 24.00 26.85 -1.76
C ASP D 41 25.49 26.74 -2.08
N GLY D 42 25.91 27.44 -3.14
CA GLY D 42 27.28 27.38 -3.64
C GLY D 42 28.21 28.21 -2.81
N MET D 43 29.50 27.88 -2.87
CA MET D 43 30.53 28.53 -2.07
C MET D 43 31.87 28.57 -2.82
N GLY D 44 32.74 29.50 -2.46
CA GLY D 44 33.99 29.70 -3.17
C GLY D 44 34.01 31.11 -3.72
N GLY D 45 35.03 31.43 -4.52
CA GLY D 45 35.12 32.71 -5.21
C GLY D 45 33.88 33.03 -6.03
N HIS D 46 33.67 34.32 -6.33
CA HIS D 46 32.43 34.81 -6.95
C HIS D 46 31.87 33.92 -8.08
N ARG D 47 32.75 33.56 -9.01
CA ARG D 47 32.34 32.72 -10.13
C ARG D 47 32.17 31.24 -9.77
N ALA D 48 33.17 30.69 -9.07
CA ALA D 48 33.19 29.27 -8.73
C ALA D 48 31.97 28.81 -7.95
N GLY D 49 31.60 29.58 -6.93
CA GLY D 49 30.43 29.27 -6.11
C GLY D 49 29.14 29.25 -6.89
N ASN D 50 28.98 30.24 -7.78
CA ASN D 50 27.79 30.38 -8.60
C ASN D 50 27.63 29.20 -9.56
N ILE D 51 28.75 28.79 -10.16
CA ILE D 51 28.83 27.65 -11.07
C ILE D 51 28.48 26.37 -10.35
N ALA D 52 29.14 26.13 -9.21
CA ALA D 52 28.89 24.97 -8.34
C ALA D 52 27.41 24.67 -8.11
N SER D 53 26.65 25.69 -7.70
CA SER D 53 25.23 25.47 -7.46
C SER D 53 24.41 25.30 -8.74
N GLU D 54 24.62 26.17 -9.72
CA GLU D 54 23.82 26.13 -10.94
C GLU D 54 24.11 24.91 -11.82
N MET D 55 25.37 24.50 -11.87
CA MET D 55 25.73 23.31 -12.63
C MET D 55 25.08 22.07 -12.03
N THR D 56 25.22 21.91 -10.71
CA THR D 56 24.62 20.82 -9.93
C THR D 56 23.11 20.71 -10.11
N VAL D 57 22.37 21.80 -9.92
CA VAL D 57 20.92 21.82 -10.10
C VAL D 57 20.47 21.50 -11.54
N THR D 58 21.18 22.03 -12.52
CA THR D 58 20.80 21.71 -13.91
C THR D 58 21.25 20.32 -14.43
N ASP D 59 22.36 19.78 -13.94
CA ASP D 59 22.76 18.43 -14.40
C ASP D 59 21.84 17.37 -13.81
N LEU D 60 21.62 17.45 -12.50
CA LEU D 60 20.75 16.53 -11.79
C LEU D 60 19.32 16.63 -12.27
N GLY D 61 18.87 17.84 -12.54
CA GLY D 61 17.51 18.09 -12.97
C GLY D 61 17.18 17.70 -14.40
N SER D 62 18.16 17.78 -15.29
CA SER D 62 17.95 17.33 -16.67
C SER D 62 18.11 15.81 -16.79
N ASP D 63 18.85 15.22 -15.85
CA ASP D 63 18.99 13.76 -15.77
C ASP D 63 17.70 13.12 -15.25
N TRP D 64 17.18 13.69 -14.16
CA TRP D 64 15.91 13.28 -13.56
C TRP D 64 14.76 13.26 -14.55
N ALA D 65 14.63 14.32 -15.35
CA ALA D 65 13.56 14.45 -16.34
C ALA D 65 13.56 13.37 -17.46
N GLU D 66 14.67 12.64 -17.58
CA GLU D 66 14.77 11.47 -18.45
C GLU D 66 14.35 10.16 -17.75
N THR D 67 14.22 10.16 -16.42
CA THR D 67 13.92 8.93 -15.68
C THR D 67 12.43 8.57 -15.68
N ASP D 68 12.13 7.30 -15.46
CA ASP D 68 10.74 6.84 -15.35
C ASP D 68 10.43 6.11 -14.05
N PHE D 69 11.09 6.51 -12.96
CA PHE D 69 10.87 5.89 -11.66
C PHE D 69 9.66 6.51 -10.96
N SER D 70 8.89 5.70 -10.24
CA SER D 70 7.90 6.27 -9.31
C SER D 70 7.97 5.69 -7.91
N GLU D 71 8.86 4.72 -7.70
CA GLU D 71 8.94 4.02 -6.41
C GLU D 71 10.00 4.62 -5.51
N LEU D 72 9.65 4.88 -4.25
CA LEU D 72 10.55 5.50 -3.25
C LEU D 72 11.97 4.95 -3.23
N SER D 73 12.12 3.63 -3.28
CA SER D 73 13.43 3.01 -3.15
C SER D 73 14.35 3.22 -4.36
N GLU D 74 13.78 3.29 -5.57
CA GLU D 74 14.62 3.52 -6.76
C GLU D 74 14.95 5.02 -6.99
N ILE D 75 14.14 5.89 -6.38
CA ILE D 75 14.41 7.31 -6.29
C ILE D 75 15.58 7.52 -5.33
N ARG D 76 15.44 6.94 -4.14
CA ARG D 76 16.47 6.89 -3.08
C ARG D 76 17.81 6.44 -3.63
N ASP D 77 17.76 5.42 -4.47
CA ASP D 77 18.92 4.97 -5.22
C ASP D 77 19.47 6.01 -6.21
N TRP D 78 18.60 6.75 -6.88
CA TRP D 78 19.03 7.66 -7.95
C TRP D 78 19.75 8.87 -7.36
N MET D 79 19.22 9.36 -6.26
CA MET D 79 19.80 10.45 -5.51
C MET D 79 21.19 10.09 -5.01
N LEU D 80 21.37 8.87 -4.51
CA LEU D 80 22.66 8.46 -3.94
C LEU D 80 23.81 8.35 -4.95
N VAL D 81 23.50 7.94 -6.18
CA VAL D 81 24.59 7.85 -7.15
C VAL D 81 24.82 9.18 -7.87
N SER D 82 23.73 9.93 -8.11
CA SER D 82 23.82 11.22 -8.78
C SER D 82 24.49 12.25 -7.87
N ILE D 83 24.29 12.14 -6.56
CA ILE D 83 24.96 13.04 -5.63
C ILE D 83 26.47 12.77 -5.60
N GLU D 84 26.85 11.49 -5.63
CA GLU D 84 28.26 11.12 -5.59
C GLU D 84 29.01 11.45 -6.88
N THR D 85 28.36 11.28 -8.03
CA THR D 85 29.05 11.55 -9.30
C THR D 85 29.25 13.06 -9.48
N GLU D 86 28.25 13.82 -9.05
CA GLU D 86 28.32 15.27 -9.08
C GLU D 86 29.33 15.83 -8.05
N ASN D 87 29.61 15.06 -7.00
CA ASN D 87 30.65 15.39 -6.04
C ASN D 87 32.06 15.20 -6.62
N ARG D 88 32.25 14.10 -7.37
CA ARG D 88 33.55 13.82 -7.98
C ARG D 88 33.85 14.76 -9.16
N LYS D 89 32.78 15.27 -9.78
CA LYS D 89 32.88 16.21 -10.90
C LYS D 89 33.29 17.59 -10.41
N ILE D 90 32.67 18.06 -9.33
CA ILE D 90 32.91 19.41 -8.79
C ILE D 90 34.26 19.49 -8.08
N TYR D 91 34.66 18.40 -7.44
CA TYR D 91 36.00 18.32 -6.85
C TYR D 91 37.11 18.42 -7.91
N GLU D 92 36.88 17.88 -9.10
CA GLU D 92 37.88 17.83 -10.17
C GLU D 92 38.28 19.23 -10.59
N LEU D 93 37.26 20.05 -10.81
CA LEU D 93 37.43 21.46 -11.14
C LEU D 93 38.05 22.23 -9.98
N GLY D 94 37.80 21.77 -8.75
CA GLY D 94 38.29 22.42 -7.52
C GLY D 94 39.79 22.52 -7.33
N GLN D 95 40.53 21.56 -7.88
CA GLN D 95 41.99 21.57 -7.79
C GLN D 95 42.62 22.58 -8.77
N SER D 96 41.91 22.87 -9.86
CA SER D 96 42.31 23.90 -10.83
C SER D 96 42.22 25.30 -10.22
N ASP D 97 43.22 26.13 -10.49
CA ASP D 97 43.39 27.42 -9.81
C ASP D 97 42.30 28.47 -10.10
N ASP D 98 41.59 28.29 -11.21
CA ASP D 98 40.42 29.12 -11.53
C ASP D 98 39.26 28.90 -10.55
N TYR D 99 39.22 27.74 -9.90
CA TYR D 99 38.08 27.37 -9.08
C TYR D 99 38.46 26.90 -7.68
N LYS D 100 39.40 27.60 -7.03
CA LYS D 100 39.77 27.26 -5.65
C LYS D 100 38.61 27.50 -4.66
N GLY D 101 38.42 26.56 -3.73
CA GLY D 101 37.41 26.68 -2.67
C GLY D 101 35.99 26.34 -3.08
N MET D 102 35.84 25.73 -4.26
CA MET D 102 34.54 25.56 -4.87
C MET D 102 33.75 24.38 -4.30
N GLY D 103 32.49 24.63 -3.97
CA GLY D 103 31.62 23.58 -3.50
C GLY D 103 30.17 24.04 -3.35
N THR D 104 29.28 23.10 -3.03
CA THR D 104 27.89 23.44 -2.78
C THR D 104 27.19 22.49 -1.80
N THR D 105 26.19 23.01 -1.08
CA THR D 105 25.24 22.15 -0.39
C THR D 105 24.24 21.62 -1.41
N ILE D 106 23.51 20.55 -1.06
CA ILE D 106 22.38 20.08 -1.89
C ILE D 106 21.19 19.66 -1.05
N GLU D 107 19.99 19.97 -1.54
CA GLU D 107 18.73 19.60 -0.91
C GLU D 107 17.86 19.18 -2.10
N ALA D 108 17.59 17.89 -2.23
CA ALA D 108 16.79 17.40 -3.36
C ALA D 108 15.55 16.70 -2.84
N VAL D 109 14.38 17.16 -3.23
CA VAL D 109 13.11 16.65 -2.70
C VAL D 109 12.18 16.19 -3.83
N ALA D 110 11.86 14.90 -3.85
CA ALA D 110 10.89 14.36 -4.81
C ALA D 110 9.53 14.26 -4.15
N ILE D 111 8.47 14.46 -4.92
CA ILE D 111 7.12 14.29 -4.39
C ILE D 111 6.39 13.16 -5.11
N VAL D 112 6.08 12.09 -4.39
CA VAL D 112 5.23 11.02 -4.93
C VAL D 112 4.09 10.67 -3.96
N GLY D 113 2.87 10.88 -4.43
CA GLY D 113 1.69 10.65 -3.60
C GLY D 113 1.57 11.75 -2.57
N ASP D 114 1.33 11.35 -1.32
CA ASP D 114 1.33 12.28 -0.20
C ASP D 114 2.64 12.18 0.60
N ASN D 115 3.66 11.64 -0.06
CA ASN D 115 4.96 11.48 0.56
C ASN D 115 6.08 12.18 -0.18
N ILE D 116 6.97 12.80 0.58
CA ILE D 116 8.20 13.31 0.03
C ILE D 116 9.31 12.34 0.33
N ILE D 117 10.33 12.32 -0.52
CA ILE D 117 11.58 11.68 -0.18
C ILE D 117 12.68 12.70 -0.42
N PHE D 118 13.63 12.83 0.53
CA PHE D 118 14.60 13.88 0.40
C PHE D 118 16.02 13.45 0.63
N ALA D 119 16.96 14.13 -0.03
CA ALA D 119 18.39 13.95 0.21
C ALA D 119 18.96 15.27 0.70
N HIS D 120 19.74 15.20 1.78
CA HIS D 120 20.26 16.39 2.46
C HIS D 120 21.80 16.39 2.54
N VAL D 121 22.44 17.47 2.09
CA VAL D 121 23.89 17.65 2.31
C VAL D 121 24.18 19.07 2.74
N GLY D 122 24.78 19.26 3.91
CA GLY D 122 25.23 20.58 4.30
C GLY D 122 24.37 21.29 5.34
N ASP D 123 24.18 22.58 5.14
CA ASP D 123 23.55 23.40 6.14
C ASP D 123 22.26 24.02 5.66
N SER D 124 21.79 23.60 4.49
CA SER D 124 20.46 23.99 4.03
C SER D 124 19.44 23.19 4.86
N ARG D 125 18.17 23.57 4.78
CA ARG D 125 17.16 22.97 5.66
C ARG D 125 15.85 22.60 5.00
N ILE D 126 15.21 21.56 5.56
CA ILE D 126 13.85 21.16 5.20
C ILE D 126 12.99 21.17 6.46
N GLY D 127 11.79 21.73 6.35
CA GLY D 127 10.87 21.83 7.47
C GLY D 127 9.42 21.72 7.04
N ILE D 128 8.54 21.48 8.02
CA ILE D 128 7.12 21.29 7.77
C ILE D 128 6.33 22.21 8.68
N VAL D 129 5.37 22.94 8.13
CA VAL D 129 4.43 23.64 8.98
C VAL D 129 3.10 22.87 9.02
N ARG D 130 2.74 22.43 10.23
CA ARG D 130 1.49 21.76 10.49
C ARG D 130 0.92 22.48 11.70
N GLN D 131 -0.40 22.71 11.68
CA GLN D 131 -1.07 23.72 12.50
C GLN D 131 -0.41 25.08 12.22
N GLY D 132 -0.02 25.78 13.27
CA GLY D 132 0.77 26.98 13.10
C GLY D 132 2.14 26.73 13.69
N GLU D 133 2.76 25.63 13.31
CA GLU D 133 3.96 25.17 13.99
C GLU D 133 4.96 24.47 13.08
N TYR D 134 6.22 24.89 13.19
CA TYR D 134 7.31 24.41 12.34
C TYR D 134 8.03 23.18 12.92
N HIS D 135 8.15 22.13 12.12
CA HIS D 135 8.92 20.93 12.50
C HIS D 135 10.12 20.71 11.58
N LEU D 136 11.31 20.69 12.16
CA LEU D 136 12.54 20.58 11.39
C LEU D 136 12.93 19.13 11.08
N LEU D 137 13.08 18.80 9.80
CA LEU D 137 13.26 17.42 9.37
C LEU D 137 14.72 17.00 9.14
N THR D 138 15.63 17.96 9.21
CA THR D 138 17.02 17.69 8.87
C THR D 138 17.93 18.14 9.99
N SER D 139 19.15 17.64 9.98
CA SER D 139 20.16 18.06 10.91
C SER D 139 21.27 18.77 10.11
N ASP D 140 21.66 19.98 10.52
CA ASP D 140 22.78 20.70 9.89
C ASP D 140 24.06 19.87 9.85
N HIS D 141 24.63 19.69 8.67
CA HIS D 141 25.96 19.09 8.63
C HIS D 141 27.00 20.13 8.92
N SER D 142 27.07 20.61 10.16
CA SER D 142 28.05 21.63 10.49
C SER D 142 28.82 21.24 11.72
N LEU D 143 30.03 21.80 11.83
CA LEU D 143 30.94 21.55 12.93
C LEU D 143 30.28 21.85 14.28
N VAL D 144 29.69 23.04 14.43
CA VAL D 144 29.07 23.39 15.71
C VAL D 144 27.78 22.61 16.02
N ASN D 145 27.04 22.21 15.00
CA ASN D 145 25.84 21.39 15.24
C ASN D 145 26.25 20.02 15.75
N GLU D 146 27.27 19.42 15.12
CA GLU D 146 27.89 18.21 15.65
C GLU D 146 28.36 18.34 17.09
N LEU D 147 28.95 19.48 17.43
CA LEU D 147 29.36 19.78 18.81
C LEU D 147 28.19 19.90 19.79
N VAL D 148 27.06 20.41 19.32
CA VAL D 148 25.85 20.47 20.16
C VAL D 148 25.30 19.06 20.43
N LYS D 149 25.28 18.22 19.39
CA LYS D 149 24.83 16.83 19.48
C LYS D 149 25.77 15.93 20.28
N ALA D 150 26.98 16.43 20.56
CA ALA D 150 27.93 15.72 21.38
C ALA D 150 27.85 16.20 22.84
N GLY D 151 27.02 17.22 23.10
CA GLY D 151 26.91 17.81 24.43
C GLY D 151 28.08 18.70 24.83
N GLN D 152 28.85 19.12 23.84
CA GLN D 152 30.08 19.91 24.02
C GLN D 152 29.75 21.40 24.04
N LEU D 153 28.73 21.78 23.29
CA LEU D 153 28.28 23.16 23.20
C LEU D 153 26.78 23.30 23.42
N THR D 154 26.36 24.42 23.99
CA THR D 154 24.96 24.82 24.00
C THR D 154 24.69 25.61 22.70
N GLU D 155 23.43 25.93 22.43
CA GLU D 155 23.07 26.65 21.20
C GLU D 155 23.59 28.08 21.21
N GLU D 156 23.56 28.71 22.38
CA GLU D 156 24.08 30.06 22.55
C GLU D 156 25.60 30.16 22.24
N GLU D 157 26.37 29.17 22.70
CA GLU D 157 27.81 29.11 22.49
C GLU D 157 28.16 28.75 21.04
N ALA D 158 27.29 27.97 20.40
CA ALA D 158 27.44 27.61 19.01
C ALA D 158 27.10 28.76 18.05
N ALA D 159 26.24 29.68 18.49
CA ALA D 159 25.87 30.84 17.68
C ALA D 159 26.87 31.99 17.77
N SER D 160 27.89 31.86 18.62
CA SER D 160 28.93 32.89 18.71
C SER D 160 30.35 32.29 18.61
N HIS D 161 30.41 31.03 18.21
CA HIS D 161 31.66 30.29 18.01
C HIS D 161 32.31 30.82 16.76
N PRO D 162 33.64 30.96 16.76
CA PRO D 162 34.39 31.38 15.56
C PRO D 162 34.15 30.50 14.34
N GLN D 163 33.95 29.21 14.57
CA GLN D 163 33.74 28.27 13.48
C GLN D 163 32.28 27.93 13.20
N LYS D 164 31.39 28.86 13.54
CA LYS D 164 29.94 28.65 13.45
C LYS D 164 29.37 28.41 12.06
N ASN D 165 30.11 28.78 11.02
CA ASN D 165 29.63 28.68 9.66
C ASN D 165 30.14 27.45 8.95
N ILE D 166 31.06 26.73 9.58
CA ILE D 166 31.81 25.65 8.93
C ILE D 166 30.99 24.39 8.75
N ILE D 167 30.84 23.96 7.51
CA ILE D 167 30.09 22.75 7.26
C ILE D 167 31.04 21.56 7.14
N THR D 168 30.48 20.36 7.21
CA THR D 168 31.26 19.13 7.26
C THR D 168 30.98 18.19 6.11
N GLN D 169 29.98 18.53 5.29
CA GLN D 169 29.61 17.74 4.10
C GLN D 169 29.27 18.70 2.98
N SER D 170 29.93 18.54 1.83
CA SER D 170 29.58 19.31 0.64
C SER D 170 29.88 18.56 -0.64
N ILE D 171 29.11 18.88 -1.67
CA ILE D 171 29.44 18.49 -3.03
C ILE D 171 30.68 19.27 -3.50
N GLY D 172 31.75 18.54 -3.82
CA GLY D 172 33.04 19.15 -4.16
C GLY D 172 34.17 18.71 -3.24
N GLN D 173 33.90 17.66 -2.48
CA GLN D 173 34.78 17.16 -1.43
C GLN D 173 35.75 16.13 -1.95
N ALA D 174 36.74 15.81 -1.12
CA ALA D 174 37.72 14.76 -1.38
C ALA D 174 37.15 13.35 -1.16
N ASN D 175 36.69 13.09 0.07
CA ASN D 175 36.07 11.82 0.44
C ASN D 175 34.64 11.74 -0.11
N PRO D 176 34.10 10.52 -0.31
CA PRO D 176 32.69 10.39 -0.69
C PRO D 176 31.73 11.03 0.30
N VAL D 177 30.70 11.66 -0.24
CA VAL D 177 29.67 12.37 0.50
C VAL D 177 28.72 11.42 1.25
N GLU D 178 28.35 11.76 2.49
CA GLU D 178 27.36 11.00 3.26
C GLU D 178 26.10 11.83 3.51
N PRO D 179 25.15 11.79 2.57
CA PRO D 179 23.94 12.59 2.72
C PRO D 179 22.98 11.96 3.70
N ASP D 180 21.98 12.71 4.13
CA ASP D 180 20.91 12.16 4.94
C ASP D 180 19.67 11.99 4.07
N LEU D 181 19.04 10.82 4.16
CA LEU D 181 17.81 10.56 3.42
C LEU D 181 16.64 10.39 4.35
N GLY D 182 15.46 10.75 3.88
CA GLY D 182 14.26 10.60 4.69
C GLY D 182 13.03 10.45 3.82
N VAL D 183 11.92 10.13 4.47
CA VAL D 183 10.60 10.07 3.87
C VAL D 183 9.69 10.79 4.87
N HIS D 184 8.68 11.53 4.42
CA HIS D 184 7.71 12.13 5.38
C HIS D 184 6.28 12.14 4.81
N LEU D 185 5.28 12.21 5.68
CA LEU D 185 3.90 12.24 5.23
C LEU D 185 3.35 13.66 5.10
N LEU D 186 2.84 13.99 3.91
CA LEU D 186 2.13 15.26 3.73
C LEU D 186 0.63 15.10 3.94
N GLU D 187 0.08 15.93 4.82
CA GLU D 187 -1.36 16.03 5.04
C GLU D 187 -1.90 17.30 4.35
N GLU D 188 -3.24 17.39 4.23
CA GLU D 188 -3.88 18.61 3.71
C GLU D 188 -3.59 19.81 4.61
N GLY D 189 -3.21 20.93 4.01
CA GLY D 189 -2.95 22.16 4.77
C GLY D 189 -1.54 22.31 5.34
N ASP D 190 -0.65 21.38 4.95
CA ASP D 190 0.74 21.46 5.33
C ASP D 190 1.50 22.45 4.47
N TYR D 191 2.51 23.09 5.04
CA TYR D 191 3.50 23.80 4.24
C TYR D 191 4.82 23.09 4.37
N LEU D 192 5.40 22.67 3.25
CA LEU D 192 6.75 22.17 3.27
C LEU D 192 7.74 23.31 2.98
N VAL D 193 8.67 23.59 3.92
CA VAL D 193 9.67 24.67 3.72
C VAL D 193 11.12 24.17 3.42
N VAL D 194 11.58 24.29 2.18
CA VAL D 194 12.97 23.93 1.81
C VAL D 194 13.81 25.19 1.60
N ASN D 195 14.84 25.38 2.43
CA ASN D 195 15.56 26.67 2.44
C ASN D 195 17.09 26.63 2.60
N SER D 196 17.75 27.62 2.00
CA SER D 196 19.17 27.80 2.24
C SER D 196 19.34 28.53 3.57
N ASP D 197 20.56 28.50 4.10
CA ASP D 197 20.81 28.96 5.46
C ASP D 197 20.54 30.44 5.66
N GLY D 198 20.59 31.20 4.57
CA GLY D 198 20.24 32.61 4.56
C GLY D 198 18.82 32.92 4.99
N LEU D 199 17.90 31.94 4.89
CA LEU D 199 16.57 32.15 5.47
C LEU D 199 16.62 31.95 6.98
N THR D 200 16.98 30.75 7.41
CA THR D 200 16.88 30.39 8.82
C THR D 200 17.95 31.00 9.76
N ASN D 201 18.96 31.67 9.21
CA ASN D 201 19.89 32.43 10.05
C ASN D 201 19.30 33.79 10.40
N MET D 202 18.30 34.22 9.64
CA MET D 202 17.68 35.53 9.82
C MET D 202 16.29 35.43 10.43
N LEU D 203 15.62 34.30 10.23
CA LEU D 203 14.26 34.07 10.75
C LEU D 203 14.23 32.91 11.73
N SER D 204 13.45 33.07 12.79
CA SER D 204 13.23 31.98 13.71
C SER D 204 12.16 31.05 13.15
N ASN D 205 11.91 29.96 13.84
CA ASN D 205 10.95 28.97 13.36
C ASN D 205 9.51 29.45 13.54
N ALA D 206 9.26 30.11 14.67
CA ALA D 206 8.01 30.80 14.91
C ALA D 206 7.72 31.83 13.80
N ASP D 207 8.75 32.60 13.46
CA ASP D 207 8.71 33.61 12.38
C ASP D 207 8.25 33.07 11.03
N ILE D 208 8.80 31.92 10.63
CA ILE D 208 8.39 31.24 9.40
C ILE D 208 6.91 30.83 9.51
N ALA D 209 6.52 30.31 10.67
CA ALA D 209 5.14 29.87 10.87
C ALA D 209 4.15 31.03 10.85
N THR D 210 4.49 32.12 11.56
CA THR D 210 3.67 33.34 11.61
C THR D 210 3.38 33.92 10.21
N VAL D 211 4.33 33.81 9.30
CA VAL D 211 4.18 34.27 7.92
C VAL D 211 3.29 33.33 7.09
N LEU D 212 3.39 32.03 7.36
CA LEU D 212 2.68 31.06 6.52
C LEU D 212 1.22 30.84 6.93
N THR D 213 0.86 31.29 8.13
CA THR D 213 -0.53 31.20 8.60
C THR D 213 -1.38 32.41 8.22
N GLN D 214 -0.78 33.38 7.53
CA GLN D 214 -1.48 34.53 6.96
C GLN D 214 -2.46 34.07 5.89
N GLU D 215 -3.43 34.93 5.58
CA GLU D 215 -4.33 34.65 4.48
C GLU D 215 -3.82 35.40 3.24
N LYS D 216 -3.10 34.68 2.38
CA LYS D 216 -2.63 35.16 1.07
C LYS D 216 -2.14 34.02 0.21
N THR D 217 -1.78 34.32 -1.03
CA THR D 217 -1.28 33.29 -1.96
C THR D 217 0.11 32.80 -1.53
N LEU D 218 0.56 31.72 -2.16
CA LEU D 218 1.83 31.10 -1.79
C LEU D 218 3.05 31.90 -2.24
N ASP D 219 2.97 32.47 -3.45
CA ASP D 219 4.04 33.31 -3.98
C ASP D 219 4.25 34.56 -3.12
N ASP D 220 3.15 35.16 -2.68
CA ASP D 220 3.18 36.35 -1.81
C ASP D 220 3.76 36.05 -0.43
N LYS D 221 3.51 34.83 0.05
CA LYS D 221 4.07 34.33 1.28
C LYS D 221 5.57 34.12 1.15
N ASN D 222 6.01 33.67 -0.02
CA ASN D 222 7.42 33.42 -0.26
C ASN D 222 8.19 34.74 -0.29
N GLN D 223 7.60 35.75 -0.93
CA GLN D 223 8.15 37.10 -0.97
C GLN D 223 8.21 37.73 0.41
N ASP D 224 7.18 37.48 1.23
CA ASP D 224 7.13 37.97 2.62
C ASP D 224 8.26 37.40 3.47
N LEU D 225 8.60 36.13 3.23
CA LEU D 225 9.74 35.49 3.89
C LEU D 225 11.07 36.17 3.54
N ILE D 226 11.32 36.41 2.26
CA ILE D 226 12.63 36.89 1.88
C ILE D 226 12.77 38.38 2.24
N THR D 227 11.65 39.09 2.22
CA THR D 227 11.57 40.48 2.70
C THR D 227 11.89 40.60 4.20
N LEU D 228 11.32 39.72 5.01
CA LEU D 228 11.60 39.71 6.45
C LEU D 228 13.06 39.35 6.69
N ALA D 229 13.55 38.32 6.01
CA ALA D 229 14.98 37.97 6.00
C ALA D 229 15.86 39.18 5.67
N ASN D 230 15.51 39.89 4.61
CA ASN D 230 16.14 41.14 4.28
C ASN D 230 16.00 42.21 5.36
N HIS D 231 14.82 42.32 5.98
CA HIS D 231 14.58 43.33 7.00
C HIS D 231 15.37 43.02 8.28
N ARG D 232 15.58 41.73 8.55
CA ARG D 232 16.34 41.28 9.70
C ARG D 232 17.83 41.42 9.50
N GLY D 233 18.26 41.80 8.30
CA GLY D 233 19.68 41.96 8.02
C GLY D 233 20.08 41.48 6.64
N GLY D 234 19.59 40.29 6.27
CA GLY D 234 19.76 39.76 4.92
C GLY D 234 21.22 39.47 4.63
N LEU D 235 21.88 38.86 5.61
CA LEU D 235 23.34 38.75 5.63
C LEU D 235 23.94 37.84 4.55
N ASP D 236 23.10 37.02 3.92
CA ASP D 236 23.53 35.97 3.00
C ASP D 236 22.47 35.82 1.92
N ASN D 237 22.76 35.07 0.87
CA ASN D 237 21.77 34.69 -0.15
C ASN D 237 20.61 33.91 0.47
N ILE D 238 19.38 34.23 0.08
CA ILE D 238 18.17 33.65 0.68
C ILE D 238 17.40 32.93 -0.40
N THR D 239 17.09 31.67 -0.18
CA THR D 239 16.49 30.86 -1.24
C THR D 239 15.53 29.84 -0.69
N VAL D 240 14.26 29.93 -1.09
CA VAL D 240 13.19 29.13 -0.48
C VAL D 240 12.25 28.48 -1.50
N ALA D 241 12.11 27.16 -1.40
CA ALA D 241 11.00 26.44 -2.03
C ALA D 241 9.84 26.31 -1.04
N LEU D 242 8.63 26.68 -1.44
CA LEU D 242 7.48 26.40 -0.59
C LEU D 242 6.50 25.49 -1.29
N VAL D 243 6.07 24.45 -0.59
CA VAL D 243 5.03 23.55 -1.09
C VAL D 243 3.78 23.56 -0.22
N TYR D 244 2.63 23.84 -0.83
CA TYR D 244 1.36 23.77 -0.15
C TYR D 244 0.54 22.58 -0.68
N VAL D 245 -0.04 21.83 0.25
CA VAL D 245 -0.89 20.68 -0.10
C VAL D 245 -2.34 21.13 -0.12
N GLU D 246 -2.90 21.27 -1.33
CA GLU D 246 -4.18 21.93 -1.55
C GLU D 246 -5.35 21.21 -0.86
N SER D 247 -5.84 21.84 0.21
CA SER D 247 -6.93 21.30 1.05
C SER D 247 -8.32 21.64 0.48
#